data_4ZLF
#
_entry.id   4ZLF
#
_cell.length_a   107.189
_cell.length_b   107.189
_cell.length_c   186.824
_cell.angle_alpha   90.00
_cell.angle_beta   90.00
_cell.angle_gamma   120.00
#
_symmetry.space_group_name_H-M   'P 31 2 1'
#
loop_
_entity.id
_entity.type
_entity.pdbx_description
1 polymer 'Putative b-glycan phosphorylase'
2 non-polymer '4-O-beta-D-glucopyranosyl-D-gluconic acid'
3 non-polymer 'SULFATE ION'
4 non-polymer GLYCEROL
5 non-polymer 'CHLORIDE ION'
6 water water
#
_entity_poly.entity_id   1
_entity_poly.type   'polypeptide(L)'
_entity_poly.pdbx_seq_one_letter_code
;GLKAINNGERYQLTSPTAMPQSASFLWNKKMMIQVNCRGYAVAQFMQPEPAKYAYAPNLEAKTFMQPEQPYYAHHPGRFF
YIKDEETGEIFSAPYEPVRSQLNNFSFNAGKSDISWHIAALGIEVELCLSLPVDDVVELWELKIKNGGAQPRKLSIYPYF
PVGYMSWMNQSGDYSQTAGGIIASCVTPYQKVADYFKNKDFKDKTFFLHETAPAAWEVNQKNFEGEGGLHNPNAIQQETL
GCGNALYETPTAVLQYRRELAAQEQQTFRFIFGPAFDESEAIALRNKYLSAEGFAKAKSEYQTYITSGKGCLQINTPDPE
LNNFVNHWLPRQVFYHGDVNRLTTDPQTRNYIQDNMGMSYIKPNITRQAFLHALSQQEESGAMPDGILLLEGAELKYINQ
IPHTDHCVWLPVCMQAYLDETNDYALLDEIVPYASGEKRETVEQHMHHAMRWLLQARDERGLSFIAQGDWCDPMNMVGYK
GKGVSGWLSVATAYALNLWADVCEQRQQNSCANEFRQGAKDINAAVNKHIWDGEWFGRGITDDGVLFGTSKDKEGRIFLN
PQSWAILGGAADEQKIPCLLDAVEQQLETPYGVMMLAPAFTAMRDDVGRVTQKFPGSAENGSVYNHAAVFYIFSLLSIGE
SERAYKLLRQMLPGPDEADLLQRGQLPVFIPNYYRGAYYQHPRTAGRSSQLFNTGTVSWVYRCLIEGVFGLKGSPQGLVV
QPQLPVAWQTAEAVREFRGATFNVSYRKSSDIKEMEIQLNESVISGNTISDITAGATYQLTVLLPATHLEHHHHHH
;
_entity_poly.pdbx_strand_id   A
#
# COMPACT_ATOMS: atom_id res chain seq x y z
N GLY A 1 20.22 8.85 -12.85
CA GLY A 1 18.96 9.44 -13.46
C GLY A 1 17.73 8.68 -12.99
N LEU A 2 16.56 9.27 -13.13
CA LEU A 2 15.33 8.68 -12.57
C LEU A 2 14.23 9.32 -13.34
N LYS A 3 13.55 8.52 -14.15
CA LYS A 3 12.46 9.02 -14.93
C LYS A 3 11.50 8.02 -15.45
N ALA A 4 10.26 8.47 -15.79
CA ALA A 4 9.23 7.66 -16.43
C ALA A 4 9.71 7.27 -17.87
N ILE A 5 9.43 6.04 -18.25
CA ILE A 5 9.72 5.49 -19.58
C ILE A 5 8.56 4.73 -20.11
N ASN A 6 8.65 4.39 -21.42
CA ASN A 6 7.70 3.51 -22.01
C ASN A 6 6.28 4.03 -21.96
N ASN A 7 6.19 5.34 -22.22
CA ASN A 7 4.85 5.93 -22.24
C ASN A 7 4.04 5.83 -20.92
N GLY A 8 4.79 5.77 -19.84
CA GLY A 8 4.21 5.73 -18.46
C GLY A 8 4.16 4.30 -17.88
N GLU A 9 4.40 3.28 -18.69
CA GLU A 9 4.27 1.91 -18.23
C GLU A 9 5.32 1.60 -17.16
N ARG A 10 6.49 2.22 -17.19
CA ARG A 10 7.55 1.93 -16.25
C ARG A 10 8.22 3.16 -15.77
N TYR A 11 9.09 3.03 -14.77
CA TYR A 11 9.78 4.12 -14.14
C TYR A 11 11.19 3.65 -13.87
N GLN A 12 12.20 4.34 -14.38
CA GLN A 12 13.60 3.84 -14.46
C GLN A 12 14.56 4.61 -13.64
N LEU A 13 15.34 3.90 -12.80
CA LEU A 13 16.44 4.39 -12.04
C LEU A 13 17.73 3.89 -12.69
N THR A 14 18.69 4.80 -12.92
CA THR A 14 19.95 4.43 -13.60
C THR A 14 21.21 4.38 -12.80
N SER A 15 21.07 4.42 -11.47
CA SER A 15 22.18 4.24 -10.54
C SER A 15 21.79 3.17 -9.50
N PRO A 16 22.70 2.18 -9.30
CA PRO A 16 22.46 1.25 -8.25
C PRO A 16 22.98 1.70 -6.87
N THR A 17 23.63 2.84 -6.81
CA THR A 17 24.09 3.38 -5.58
C THR A 17 23.51 4.69 -5.03
N ALA A 18 22.88 5.49 -5.88
CA ALA A 18 22.36 6.75 -5.40
C ALA A 18 21.19 6.63 -4.48
N MET A 19 20.33 5.55 -4.64
CA MET A 19 19.08 5.37 -3.94
C MET A 19 18.99 3.86 -3.60
N PRO A 20 19.89 3.42 -2.71
CA PRO A 20 20.10 1.94 -2.57
C PRO A 20 18.96 1.23 -1.84
N GLN A 21 18.03 1.94 -1.20
CA GLN A 21 16.89 1.33 -0.57
C GLN A 21 15.65 1.27 -1.49
N SER A 22 15.76 1.93 -2.63
CA SER A 22 14.61 2.01 -3.48
C SER A 22 14.19 0.69 -4.04
N ALA A 23 12.90 0.61 -4.30
CA ALA A 23 12.24 -0.62 -4.54
C ALA A 23 10.91 -0.43 -5.25
N SER A 24 10.38 -1.51 -5.85
CA SER A 24 9.06 -1.51 -6.34
C SER A 24 8.43 -2.84 -5.93
N PHE A 25 7.16 -2.97 -6.21
CA PHE A 25 6.36 -4.12 -5.74
CA PHE A 25 6.35 -4.08 -5.72
C PHE A 25 5.54 -4.70 -6.87
N LEU A 26 5.25 -5.98 -6.73
CA LEU A 26 4.23 -6.67 -7.56
C LEU A 26 3.35 -7.48 -6.66
N TRP A 27 2.15 -7.74 -7.10
CA TRP A 27 1.28 -8.63 -6.37
C TRP A 27 0.42 -9.45 -7.32
N ASN A 28 -0.24 -10.46 -6.79
CA ASN A 28 -1.31 -11.12 -7.46
C ASN A 28 -2.34 -11.54 -6.47
N LYS A 29 -3.30 -12.38 -6.88
CA LYS A 29 -4.37 -12.78 -5.98
C LYS A 29 -3.90 -13.46 -4.72
N LYS A 30 -2.65 -14.04 -4.70
CA LYS A 30 -2.15 -14.86 -3.64
C LYS A 30 -0.81 -14.55 -3.12
N MET A 31 -0.14 -13.49 -3.61
CA MET A 31 1.25 -13.22 -3.20
C MET A 31 1.60 -11.80 -3.44
N MET A 32 2.69 -11.35 -2.83
CA MET A 32 3.29 -10.07 -3.14
C MET A 32 4.75 -10.21 -3.03
N ILE A 33 5.47 -9.36 -3.69
CA ILE A 33 6.94 -9.30 -3.67
C ILE A 33 7.38 -7.82 -3.72
N GLN A 34 8.31 -7.43 -2.81
CA GLN A 34 8.96 -6.14 -2.83
C GLN A 34 10.37 -6.40 -3.36
N VAL A 35 10.73 -5.75 -4.45
CA VAL A 35 11.99 -5.95 -5.09
C VAL A 35 12.83 -4.68 -4.91
N ASN A 36 13.99 -4.83 -4.31
CA ASN A 36 14.99 -3.73 -4.18
C ASN A 36 15.80 -3.58 -5.46
N CYS A 37 16.23 -2.33 -5.73
CA CYS A 37 16.94 -2.04 -6.98
C CYS A 37 18.24 -2.79 -7.17
N ARG A 38 18.84 -3.32 -6.12
CA ARG A 38 20.12 -4.01 -6.19
C ARG A 38 19.98 -5.51 -6.24
N GLY A 39 18.78 -6.03 -6.09
CA GLY A 39 18.45 -7.43 -6.28
C GLY A 39 17.93 -8.16 -5.05
N TYR A 40 17.88 -7.50 -3.87
CA TYR A 40 17.20 -8.09 -2.74
C TYR A 40 15.70 -8.11 -2.95
N ALA A 41 15.02 -9.10 -2.37
CA ALA A 41 13.54 -9.16 -2.45
C ALA A 41 12.95 -9.82 -1.26
N VAL A 42 11.74 -9.40 -0.93
CA VAL A 42 10.94 -10.00 0.11
C VAL A 42 9.64 -10.45 -0.55
N ALA A 43 9.31 -11.74 -0.41
CA ALA A 43 8.14 -12.33 -1.05
C ALA A 43 7.29 -13.12 -0.05
N GLN A 44 6.00 -12.87 -0.04
CA GLN A 44 5.04 -13.61 0.84
C GLN A 44 3.93 -14.13 0.01
N PHE A 45 3.44 -15.30 0.33
CA PHE A 45 2.29 -15.85 -0.29
C PHE A 45 1.28 -16.42 0.64
N MET A 46 0.07 -16.65 0.15
CA MET A 46 -1.01 -17.14 1.04
C MET A 46 -1.42 -18.55 0.74
N GLN A 47 -1.53 -19.35 1.79
CA GLN A 47 -1.90 -20.77 1.51
C GLN A 47 -2.83 -21.43 2.55
N PRO A 48 -3.82 -20.84 3.15
CA PRO A 48 -4.28 -19.45 2.87
C PRO A 48 -3.68 -18.43 3.79
N GLU A 49 -2.90 -18.80 4.79
CA GLU A 49 -2.22 -17.92 5.64
C GLU A 49 -0.80 -17.56 5.12
N PRO A 50 -0.13 -16.52 5.56
CA PRO A 50 1.15 -16.12 5.01
C PRO A 50 2.26 -17.15 5.20
N ALA A 51 3.12 -17.28 4.19
CA ALA A 51 4.26 -18.09 4.18
C ALA A 51 5.29 -17.57 3.17
N LYS A 52 6.48 -18.14 3.19
CA LYS A 52 7.53 -17.78 2.27
C LYS A 52 8.22 -19.02 1.77
N TYR A 53 8.88 -18.82 0.59
CA TYR A 53 9.69 -19.87 -0.08
C TYR A 53 11.10 -19.57 -0.20
N ALA A 54 11.51 -18.33 0.02
CA ALA A 54 12.91 -17.91 0.06
C ALA A 54 13.10 -17.34 1.48
N TYR A 55 14.03 -17.97 2.20
CA TYR A 55 14.24 -17.69 3.62
C TYR A 55 15.54 -16.93 3.90
N ALA A 56 15.57 -16.25 5.04
CA ALA A 56 16.83 -15.75 5.56
C ALA A 56 17.83 -16.92 5.84
N PRO A 57 19.06 -16.55 6.09
CA PRO A 57 20.07 -17.60 6.41
C PRO A 57 19.96 -18.02 7.87
N ASN A 58 19.13 -17.40 8.66
CA ASN A 58 18.92 -17.76 10.04
C ASN A 58 17.51 -18.08 10.29
N LEU A 59 17.08 -18.26 11.53
CA LEU A 59 15.70 -18.56 11.84
C LEU A 59 14.99 -17.27 12.07
N GLU A 60 14.30 -16.82 11.06
CA GLU A 60 13.67 -15.50 11.14
C GLU A 60 12.33 -15.58 11.82
N ALA A 61 11.94 -14.47 12.39
CA ALA A 61 10.58 -14.26 12.95
C ALA A 61 9.55 -14.28 11.87
N LYS A 62 8.32 -14.61 12.23
CA LYS A 62 7.20 -14.50 11.37
C LYS A 62 6.87 -13.04 11.12
N THR A 63 7.18 -12.57 9.94
CA THR A 63 6.99 -11.18 9.61
C THR A 63 7.12 -11.05 8.06
N PHE A 64 6.71 -9.89 7.48
CA PHE A 64 6.86 -9.64 6.01
C PHE A 64 8.08 -8.72 5.89
N MET A 65 7.84 -7.41 6.13
CA MET A 65 8.89 -6.39 6.10
C MET A 65 8.70 -5.38 7.19
N GLN A 66 9.82 -4.80 7.60
CA GLN A 66 9.76 -3.72 8.55
C GLN A 66 9.77 -2.34 7.80
N PRO A 67 9.29 -1.28 8.45
CA PRO A 67 9.55 0.03 7.86
C PRO A 67 11.03 0.30 7.76
N GLU A 68 11.46 0.89 6.66
CA GLU A 68 12.83 1.22 6.43
C GLU A 68 13.72 -0.04 6.51
N GLN A 69 13.23 -1.12 5.92
CA GLN A 69 13.86 -2.45 6.09
C GLN A 69 15.30 -2.42 5.67
N PRO A 70 16.25 -2.85 6.52
CA PRO A 70 17.63 -2.90 6.03
C PRO A 70 17.86 -4.30 5.38
N TYR A 71 18.77 -4.25 4.49
CA TYR A 71 19.20 -5.48 3.79
C TYR A 71 20.59 -5.78 4.36
N TYR A 72 21.14 -6.95 4.03
CA TYR A 72 22.47 -7.38 4.41
C TYR A 72 22.85 -8.41 3.33
N ALA A 73 24.09 -8.84 3.35
CA ALA A 73 24.61 -9.53 2.14
C ALA A 73 23.86 -10.81 1.80
N HIS A 74 23.45 -11.59 2.83
CA HIS A 74 22.71 -12.81 2.68
C HIS A 74 21.21 -12.71 2.71
N HIS A 75 20.68 -11.45 2.60
CA HIS A 75 19.26 -11.32 2.54
C HIS A 75 18.74 -11.99 1.28
N PRO A 76 17.59 -12.56 1.31
CA PRO A 76 17.00 -13.18 0.07
C PRO A 76 17.03 -12.24 -1.14
N GLY A 77 17.22 -12.78 -2.30
CA GLY A 77 17.30 -11.95 -3.51
C GLY A 77 17.30 -12.79 -4.77
N ARG A 78 17.55 -12.14 -5.88
CA ARG A 78 17.30 -12.72 -7.19
C ARG A 78 18.44 -12.32 -8.10
N PHE A 79 19.44 -13.26 -8.27
CA PHE A 79 20.71 -12.83 -8.84
C PHE A 79 21.15 -13.74 -10.01
N PHE A 80 22.02 -13.18 -10.85
CA PHE A 80 22.63 -13.97 -11.92
C PHE A 80 24.09 -13.55 -12.03
N TYR A 81 24.98 -14.50 -11.93
CA TYR A 81 26.42 -14.23 -12.08
C TYR A 81 26.79 -14.56 -13.58
N ILE A 82 27.66 -13.66 -14.07
CA ILE A 82 28.24 -13.85 -15.44
C ILE A 82 29.76 -13.96 -15.25
N LYS A 83 30.33 -14.96 -15.86
CA LYS A 83 31.79 -15.25 -15.81
C LYS A 83 32.38 -15.28 -17.26
N ASP A 84 33.41 -14.45 -17.47
CA ASP A 84 34.16 -14.49 -18.77
C ASP A 84 35.11 -15.70 -18.61
N GLU A 85 34.91 -16.74 -19.33
CA GLU A 85 35.74 -17.95 -19.13
C GLU A 85 37.20 -17.71 -19.61
N GLU A 86 37.40 -16.70 -20.40
CA GLU A 86 38.81 -16.42 -20.87
C GLU A 86 39.56 -15.70 -19.86
N THR A 87 38.97 -14.75 -19.17
CA THR A 87 39.68 -13.94 -18.22
C THR A 87 39.50 -14.34 -16.75
N GLY A 88 38.43 -15.09 -16.42
CA GLY A 88 38.02 -15.40 -15.08
C GLY A 88 37.24 -14.24 -14.41
N GLU A 89 37.08 -13.10 -15.08
CA GLU A 89 36.43 -11.92 -14.49
C GLU A 89 34.89 -12.26 -14.33
N ILE A 90 34.32 -11.77 -13.23
CA ILE A 90 32.86 -12.01 -12.99
C ILE A 90 32.14 -10.73 -12.64
N PHE A 91 30.83 -10.73 -12.86
CA PHE A 91 29.97 -9.72 -12.36
C PHE A 91 28.66 -10.35 -12.01
N SER A 92 27.80 -9.63 -11.28
CA SER A 92 26.45 -10.13 -11.03
C SER A 92 25.36 -9.09 -11.28
N ALA A 93 24.30 -9.56 -11.86
CA ALA A 93 23.06 -8.85 -12.04
C ALA A 93 22.11 -9.15 -10.86
N PRO A 94 21.40 -8.15 -10.35
CA PRO A 94 21.35 -6.80 -10.90
C PRO A 94 22.51 -5.96 -10.50
N TYR A 95 23.14 -6.24 -9.32
CA TYR A 95 24.25 -5.48 -8.83
C TYR A 95 24.91 -6.16 -7.68
N GLU A 96 24.16 -6.40 -6.61
CA GLU A 96 24.52 -7.43 -5.63
C GLU A 96 24.61 -8.78 -6.37
N PRO A 97 25.30 -9.76 -5.77
CA PRO A 97 26.15 -9.60 -4.62
C PRO A 97 27.57 -9.13 -4.84
N VAL A 98 28.02 -9.05 -6.06
CA VAL A 98 29.42 -8.67 -6.33
C VAL A 98 29.73 -7.19 -6.24
N ARG A 99 28.79 -6.39 -6.68
CA ARG A 99 28.91 -4.93 -6.69
C ARG A 99 30.08 -4.55 -7.62
N SER A 100 30.13 -5.22 -8.75
CA SER A 100 31.18 -4.84 -9.78
C SER A 100 30.88 -3.45 -10.33
N GLN A 101 31.91 -2.90 -10.94
CA GLN A 101 31.75 -1.74 -11.80
C GLN A 101 30.92 -2.12 -13.01
N LEU A 102 29.87 -1.39 -13.30
CA LEU A 102 29.06 -1.66 -14.46
C LEU A 102 29.23 -0.53 -15.49
N ASN A 103 29.07 -0.85 -16.77
CA ASN A 103 29.00 0.18 -17.79
C ASN A 103 27.62 0.66 -17.99
N ASN A 104 26.57 -0.07 -17.58
CA ASN A 104 25.22 0.47 -17.71
C ASN A 104 24.37 -0.21 -16.65
N PHE A 105 23.42 0.53 -16.05
CA PHE A 105 22.47 0.01 -15.08
C PHE A 105 21.12 0.70 -15.26
N SER A 106 20.07 -0.11 -15.34
CA SER A 106 18.69 0.39 -15.30
C SER A 106 17.90 -0.54 -14.40
N PHE A 107 17.20 0.00 -13.45
CA PHE A 107 16.12 -0.70 -12.72
C PHE A 107 14.77 -0.05 -13.07
N ASN A 108 13.90 -0.87 -13.60
CA ASN A 108 12.62 -0.47 -14.17
C ASN A 108 11.48 -0.99 -13.32
N ALA A 109 10.91 -0.12 -12.56
CA ALA A 109 9.61 -0.47 -11.90
C ALA A 109 8.52 -0.47 -12.92
N GLY A 110 7.68 -1.49 -13.03
CA GLY A 110 6.64 -1.55 -13.99
C GLY A 110 5.31 -1.65 -13.36
N LYS A 111 4.27 -1.36 -14.11
CA LYS A 111 2.92 -1.57 -13.64
C LYS A 111 2.66 -3.07 -13.46
N SER A 112 3.30 -3.90 -14.32
CA SER A 112 2.97 -5.35 -14.39
C SER A 112 4.23 -6.24 -14.32
N ASP A 113 5.38 -5.59 -14.28
CA ASP A 113 6.65 -6.29 -14.19
C ASP A 113 7.70 -5.46 -13.59
N ILE A 114 8.83 -6.13 -13.23
CA ILE A 114 10.02 -5.45 -12.72
C ILE A 114 11.20 -5.94 -13.51
N SER A 115 12.06 -5.08 -13.95
CA SER A 115 13.11 -5.50 -14.87
C SER A 115 14.34 -4.65 -14.67
N TRP A 116 15.47 -5.22 -15.16
CA TRP A 116 16.74 -4.55 -15.19
C TRP A 116 17.44 -4.72 -16.56
N HIS A 117 18.22 -3.69 -16.93
CA HIS A 117 19.24 -3.88 -17.98
C HIS A 117 20.57 -3.50 -17.34
N ILE A 118 21.57 -4.35 -17.54
CA ILE A 118 22.90 -4.00 -17.09
C ILE A 118 23.90 -4.43 -18.13
N ALA A 119 25.10 -3.85 -18.07
CA ALA A 119 26.17 -4.26 -18.93
C ALA A 119 27.51 -4.15 -18.20
N ALA A 120 28.34 -5.15 -18.41
CA ALA A 120 29.69 -5.21 -17.90
C ALA A 120 30.50 -6.15 -18.80
N LEU A 121 31.77 -5.82 -18.96
CA LEU A 121 32.65 -6.73 -19.73
C LEU A 121 32.24 -6.88 -21.16
N GLY A 122 31.47 -5.91 -21.69
CA GLY A 122 30.92 -6.00 -23.05
C GLY A 122 29.71 -6.88 -23.23
N ILE A 123 29.20 -7.42 -22.08
CA ILE A 123 28.06 -8.33 -22.16
C ILE A 123 26.85 -7.55 -21.59
N GLU A 124 25.79 -7.61 -22.35
CA GLU A 124 24.54 -6.92 -22.10
C GLU A 124 23.52 -7.91 -21.52
N VAL A 125 22.96 -7.58 -20.34
CA VAL A 125 22.05 -8.50 -19.63
C VAL A 125 20.71 -7.86 -19.47
N GLU A 126 19.65 -8.59 -19.70
CA GLU A 126 18.30 -8.15 -19.34
C GLU A 126 17.72 -9.17 -18.39
N LEU A 127 16.93 -8.66 -17.41
CA LEU A 127 16.24 -9.52 -16.44
C LEU A 127 14.87 -9.01 -16.32
N CYS A 128 13.90 -9.87 -16.42
CA CYS A 128 12.48 -9.46 -16.25
C CYS A 128 11.74 -10.44 -15.37
N LEU A 129 11.08 -9.91 -14.33
CA LEU A 129 10.22 -10.65 -13.43
C LEU A 129 8.76 -10.25 -13.71
N SER A 130 7.86 -11.20 -13.73
CA SER A 130 6.45 -10.91 -13.55
C SER A 130 5.78 -12.04 -12.87
N LEU A 131 4.55 -11.83 -12.48
CA LEU A 131 3.71 -12.83 -11.84
C LEU A 131 2.51 -13.11 -12.66
N PRO A 132 1.87 -14.28 -12.61
CA PRO A 132 0.61 -14.52 -13.23
C PRO A 132 -0.48 -13.94 -12.33
N VAL A 133 -1.72 -13.96 -12.73
CA VAL A 133 -2.78 -13.40 -11.84
C VAL A 133 -3.10 -14.29 -10.68
N ASP A 134 -3.17 -15.65 -10.90
CA ASP A 134 -3.79 -16.49 -9.95
C ASP A 134 -2.94 -17.59 -9.35
N ASP A 135 -1.74 -17.73 -9.73
CA ASP A 135 -0.90 -18.78 -9.12
C ASP A 135 0.33 -18.17 -8.48
N VAL A 136 0.88 -18.89 -7.44
CA VAL A 136 2.03 -18.42 -6.77
C VAL A 136 3.32 -18.87 -7.43
N VAL A 137 3.89 -18.06 -8.27
CA VAL A 137 5.11 -18.39 -8.95
C VAL A 137 5.68 -17.18 -9.56
N GLU A 138 6.97 -17.03 -9.52
CA GLU A 138 7.67 -15.99 -10.19
C GLU A 138 8.16 -16.36 -11.56
N LEU A 139 7.89 -15.54 -12.57
CA LEU A 139 8.30 -15.83 -13.93
C LEU A 139 9.49 -15.01 -14.24
N TRP A 140 10.66 -15.69 -14.49
CA TRP A 140 11.91 -14.98 -14.68
C TRP A 140 12.42 -15.22 -16.15
N GLU A 141 12.74 -14.10 -16.79
CA GLU A 141 13.30 -14.13 -18.19
C GLU A 141 14.61 -13.39 -18.16
N LEU A 142 15.69 -14.11 -18.60
CA LEU A 142 17.04 -13.60 -18.63
C LEU A 142 17.52 -13.57 -20.11
N LYS A 143 18.07 -12.46 -20.51
CA LYS A 143 18.69 -12.36 -21.82
C LYS A 143 20.11 -11.94 -21.67
N ILE A 144 21.03 -12.58 -22.45
CA ILE A 144 22.46 -12.37 -22.40
C ILE A 144 22.90 -12.13 -23.87
N LYS A 145 23.56 -11.01 -24.07
CA LYS A 145 24.04 -10.67 -25.46
C LYS A 145 25.50 -10.27 -25.42
N ASN A 146 26.26 -10.86 -26.40
CA ASN A 146 27.57 -10.37 -26.63
C ASN A 146 27.52 -9.06 -27.47
N GLY A 147 27.85 -7.93 -26.89
CA GLY A 147 27.70 -6.67 -27.56
C GLY A 147 28.99 -6.31 -28.36
N GLY A 148 29.99 -7.18 -28.29
CA GLY A 148 31.33 -6.88 -28.94
C GLY A 148 31.42 -7.58 -30.28
N ALA A 149 32.64 -7.46 -30.86
CA ALA A 149 32.87 -7.90 -32.24
C ALA A 149 33.45 -9.31 -32.35
N GLN A 150 33.97 -9.94 -31.27
CA GLN A 150 34.53 -11.27 -31.35
C GLN A 150 33.66 -12.25 -30.52
N PRO A 151 33.78 -13.55 -30.73
CA PRO A 151 33.08 -14.51 -29.89
C PRO A 151 33.53 -14.45 -28.44
N ARG A 152 32.61 -14.83 -27.53
CA ARG A 152 32.92 -14.76 -26.13
C ARG A 152 32.43 -16.04 -25.46
N LYS A 153 33.28 -16.61 -24.64
CA LYS A 153 32.91 -17.83 -23.93
C LYS A 153 32.58 -17.35 -22.45
N LEU A 154 31.33 -17.71 -22.08
CA LEU A 154 30.74 -17.27 -20.79
C LEU A 154 30.17 -18.46 -20.06
N SER A 155 30.23 -18.37 -18.72
CA SER A 155 29.39 -19.18 -17.84
C SER A 155 28.38 -18.20 -17.18
N ILE A 156 27.15 -18.71 -17.14
CA ILE A 156 25.99 -17.88 -16.63
C ILE A 156 25.36 -18.68 -15.52
N TYR A 157 25.24 -18.04 -14.35
CA TYR A 157 24.82 -18.75 -13.14
C TYR A 157 23.61 -18.00 -12.42
N PRO A 158 22.42 -18.48 -12.61
CA PRO A 158 21.34 -18.05 -11.68
C PRO A 158 21.78 -18.44 -10.27
N TYR A 159 21.49 -17.52 -9.34
CA TYR A 159 21.77 -17.70 -7.90
C TYR A 159 20.52 -17.17 -7.17
N PHE A 160 19.70 -18.12 -6.75
CA PHE A 160 18.42 -17.84 -6.05
C PHE A 160 18.51 -18.55 -4.69
N PRO A 161 19.06 -17.88 -3.70
CA PRO A 161 19.32 -18.55 -2.43
C PRO A 161 18.06 -18.90 -1.75
N VAL A 162 17.88 -20.14 -1.33
CA VAL A 162 16.72 -20.57 -0.65
C VAL A 162 16.70 -20.25 0.86
N GLY A 163 17.84 -20.23 1.45
CA GLY A 163 18.06 -19.89 2.84
C GLY A 163 17.77 -21.07 3.75
N TYR A 164 17.70 -20.70 5.06
CA TYR A 164 17.58 -21.66 6.15
C TYR A 164 16.10 -21.92 6.32
N MET A 165 15.62 -23.03 5.87
CA MET A 165 14.20 -23.31 5.77
C MET A 165 13.57 -23.77 7.09
N SER A 166 14.33 -24.55 7.88
CA SER A 166 13.75 -25.18 9.04
C SER A 166 14.87 -25.85 9.84
N TRP A 167 14.79 -25.75 11.17
CA TRP A 167 15.67 -26.58 12.00
C TRP A 167 15.26 -28.01 12.18
N MET A 168 14.02 -28.38 11.87
CA MET A 168 13.58 -29.75 11.99
C MET A 168 14.11 -30.58 10.85
N ASN A 169 13.93 -30.05 9.61
CA ASN A 169 14.21 -30.85 8.39
C ASN A 169 14.41 -29.85 7.27
N GLN A 170 15.57 -29.84 6.65
CA GLN A 170 15.74 -29.05 5.38
C GLN A 170 16.71 -29.83 4.52
N SER A 171 16.51 -29.70 3.23
CA SER A 171 17.34 -30.41 2.28
C SER A 171 17.12 -29.86 0.88
N GLY A 172 17.85 -30.37 -0.08
CA GLY A 172 17.53 -30.04 -1.44
C GLY A 172 18.35 -30.92 -2.41
N ASP A 173 17.80 -31.06 -3.60
CA ASP A 173 18.58 -31.75 -4.57
C ASP A 173 18.04 -31.35 -5.97
N TYR A 174 18.75 -31.76 -6.99
CA TYR A 174 18.38 -31.57 -8.40
C TYR A 174 17.45 -32.62 -8.85
N SER A 175 16.39 -32.29 -9.55
CA SER A 175 15.47 -33.23 -10.07
C SER A 175 15.42 -33.11 -11.58
N GLN A 176 16.00 -34.12 -12.28
CA GLN A 176 15.91 -34.08 -13.78
C GLN A 176 14.47 -34.06 -14.22
N THR A 177 13.61 -34.81 -13.54
CA THR A 177 12.22 -34.97 -13.92
C THR A 177 11.45 -33.67 -13.78
N ALA A 178 11.69 -32.96 -12.67
CA ALA A 178 11.08 -31.61 -12.62
C ALA A 178 11.71 -30.58 -13.50
N GLY A 179 12.97 -30.80 -13.84
CA GLY A 179 13.80 -29.92 -14.58
C GLY A 179 14.22 -28.74 -13.76
N GLY A 180 14.90 -29.03 -12.65
CA GLY A 180 15.47 -28.02 -11.84
C GLY A 180 15.70 -28.47 -10.42
N ILE A 181 15.83 -27.48 -9.55
CA ILE A 181 16.18 -27.70 -8.12
C ILE A 181 14.90 -27.73 -7.29
N ILE A 182 14.86 -28.67 -6.38
CA ILE A 182 13.72 -28.77 -5.46
C ILE A 182 14.38 -28.80 -4.03
N ALA A 183 14.14 -27.74 -3.28
CA ALA A 183 14.48 -27.66 -1.87
C ALA A 183 13.28 -28.04 -1.07
N SER A 184 13.46 -28.70 0.07
CA SER A 184 12.40 -29.23 0.86
C SER A 184 12.64 -29.09 2.37
N CYS A 185 11.54 -28.79 3.05
CA CYS A 185 11.57 -28.76 4.53
C CYS A 185 10.31 -29.22 5.13
N VAL A 186 10.36 -29.29 6.50
CA VAL A 186 9.16 -29.41 7.29
C VAL A 186 9.10 -28.19 8.25
N THR A 187 8.03 -27.39 8.07
CA THR A 187 7.85 -26.20 8.90
C THR A 187 7.83 -26.66 10.38
N PRO A 188 8.66 -26.04 11.26
CA PRO A 188 8.67 -26.50 12.64
C PRO A 188 7.38 -26.25 13.41
N TYR A 189 7.08 -27.10 14.36
CA TYR A 189 5.96 -26.99 15.27
C TYR A 189 6.25 -27.97 16.43
N GLN A 190 5.35 -27.94 17.43
CA GLN A 190 5.38 -28.91 18.56
C GLN A 190 4.08 -29.54 18.88
N LYS A 191 2.94 -28.87 18.69
CA LYS A 191 1.65 -29.36 19.05
C LYS A 191 1.05 -30.23 17.98
N VAL A 192 0.46 -31.38 18.34
CA VAL A 192 -0.14 -32.29 17.40
C VAL A 192 -1.22 -31.57 16.51
N ALA A 193 -1.93 -30.64 17.10
CA ALA A 193 -2.99 -29.98 16.30
C ALA A 193 -2.32 -29.26 15.08
N ASP A 194 -1.11 -28.75 15.25
CA ASP A 194 -0.41 -28.02 14.19
C ASP A 194 0.00 -28.97 13.08
N TYR A 195 0.30 -30.25 13.37
CA TYR A 195 0.53 -31.19 12.23
C TYR A 195 -0.72 -31.24 11.30
N PHE A 196 -1.89 -31.30 11.89
CA PHE A 196 -3.14 -31.34 11.09
C PHE A 196 -3.29 -30.00 10.34
N LYS A 197 -3.02 -28.95 11.04
CA LYS A 197 -3.19 -27.62 10.47
C LYS A 197 -2.26 -27.36 9.35
N ASN A 198 -1.05 -27.88 9.37
CA ASN A 198 0.00 -27.62 8.42
C ASN A 198 0.09 -28.54 7.16
N LYS A 199 -0.90 -29.43 7.07
CA LYS A 199 -0.86 -30.50 6.11
C LYS A 199 -0.78 -30.00 4.69
N ASP A 200 -1.42 -28.91 4.36
CA ASP A 200 -1.42 -28.57 2.93
C ASP A 200 -0.26 -27.53 2.67
N PHE A 201 0.71 -27.33 3.61
CA PHE A 201 1.75 -26.32 3.39
C PHE A 201 2.60 -26.72 2.18
N LYS A 202 2.93 -25.68 1.42
CA LYS A 202 3.84 -25.77 0.27
C LYS A 202 5.28 -25.64 0.73
N ASP A 203 5.74 -26.70 1.41
CA ASP A 203 7.05 -26.70 2.02
C ASP A 203 8.19 -27.15 1.11
N LYS A 204 8.02 -27.20 -0.20
CA LYS A 204 9.09 -27.30 -1.15
C LYS A 204 9.26 -25.91 -1.82
N THR A 205 10.48 -25.59 -2.19
CA THR A 205 10.75 -24.45 -3.04
C THR A 205 11.41 -25.00 -4.30
N PHE A 206 10.85 -24.61 -5.41
CA PHE A 206 11.41 -24.98 -6.72
C PHE A 206 12.09 -23.83 -7.41
N PHE A 207 13.15 -24.18 -8.24
CA PHE A 207 13.75 -23.31 -9.16
C PHE A 207 13.91 -24.15 -10.45
N LEU A 208 13.03 -23.92 -11.41
CA LEU A 208 12.99 -24.74 -12.59
C LEU A 208 13.45 -24.01 -13.81
N HIS A 209 14.21 -24.77 -14.62
CA HIS A 209 14.69 -24.21 -15.90
C HIS A 209 13.92 -24.69 -17.13
N GLU A 210 13.74 -23.78 -18.11
CA GLU A 210 13.23 -24.23 -19.38
C GLU A 210 14.33 -24.98 -20.18
N THR A 211 15.54 -24.44 -20.14
CA THR A 211 16.70 -24.95 -20.92
C THR A 211 17.54 -25.76 -19.96
N ALA A 212 17.87 -27.02 -20.30
CA ALA A 212 18.69 -27.80 -19.41
C ALA A 212 20.09 -27.17 -19.25
N PRO A 213 20.64 -27.18 -18.04
CA PRO A 213 21.89 -26.57 -17.81
C PRO A 213 23.12 -27.51 -17.96
N ALA A 214 24.26 -26.93 -17.86
CA ALA A 214 25.51 -27.79 -17.86
C ALA A 214 25.72 -28.45 -16.51
N ALA A 215 25.34 -27.74 -15.44
CA ALA A 215 25.61 -28.26 -14.08
C ALA A 215 24.76 -27.45 -13.08
N TRP A 216 24.86 -27.79 -11.82
CA TRP A 216 23.99 -27.18 -10.78
C TRP A 216 24.68 -27.30 -9.49
N GLU A 217 24.16 -26.60 -8.45
CA GLU A 217 24.69 -26.74 -7.04
C GLU A 217 23.51 -26.39 -6.13
N VAL A 218 23.29 -27.24 -5.15
CA VAL A 218 22.19 -27.11 -4.22
C VAL A 218 22.64 -26.81 -2.81
N ASN A 219 23.94 -26.88 -2.55
CA ASN A 219 24.45 -26.60 -1.21
C ASN A 219 25.05 -25.26 -1.13
N GLN A 220 24.48 -24.39 -0.26
CA GLN A 220 24.91 -23.04 -0.16
C GLN A 220 26.37 -22.81 0.18
N LYS A 221 26.83 -23.57 1.17
CA LYS A 221 28.24 -23.44 1.62
C LYS A 221 29.18 -23.95 0.53
N ASN A 222 28.79 -24.99 -0.19
CA ASN A 222 29.64 -25.47 -1.30
C ASN A 222 29.71 -24.40 -2.39
N PHE A 223 28.61 -23.69 -2.66
CA PHE A 223 28.59 -22.62 -3.63
C PHE A 223 29.59 -21.54 -3.28
N GLU A 224 29.53 -21.05 -2.03
CA GLU A 224 30.40 -19.96 -1.62
C GLU A 224 31.86 -20.37 -1.47
N GLY A 225 32.06 -21.45 -0.75
CA GLY A 225 33.37 -21.75 -0.28
C GLY A 225 33.99 -20.55 0.39
N GLU A 226 35.33 -20.42 0.41
CA GLU A 226 36.01 -19.29 1.00
C GLU A 226 35.83 -17.98 0.32
N GLY A 227 35.48 -18.02 -0.97
CA GLY A 227 35.33 -16.85 -1.74
C GLY A 227 34.08 -16.07 -1.38
N GLY A 228 33.05 -16.66 -0.76
CA GLY A 228 31.85 -15.95 -0.37
C GLY A 228 30.99 -15.55 -1.53
N LEU A 229 30.05 -14.63 -1.26
CA LEU A 229 29.18 -14.22 -2.36
C LEU A 229 29.92 -13.30 -3.35
N HIS A 230 31.01 -12.66 -2.88
CA HIS A 230 31.77 -11.76 -3.76
C HIS A 230 32.45 -12.49 -4.90
N ASN A 231 32.93 -13.73 -4.65
CA ASN A 231 33.69 -14.49 -5.57
C ASN A 231 33.49 -15.97 -5.29
N PRO A 232 32.29 -16.49 -5.55
CA PRO A 232 31.98 -17.85 -5.06
C PRO A 232 33.02 -18.88 -5.57
N ASN A 233 33.48 -19.77 -4.74
CA ASN A 233 34.38 -20.86 -5.21
C ASN A 233 33.81 -21.68 -6.30
N ALA A 234 32.51 -21.93 -6.29
CA ALA A 234 31.88 -22.76 -7.30
C ALA A 234 31.93 -22.13 -8.67
N ILE A 235 31.99 -20.83 -8.71
CA ILE A 235 32.04 -20.04 -9.92
C ILE A 235 33.56 -19.93 -10.36
N GLN A 236 34.49 -19.94 -9.41
CA GLN A 236 35.93 -19.91 -9.76
C GLN A 236 36.29 -21.10 -10.55
N GLN A 237 35.78 -22.27 -10.23
CA GLN A 237 36.13 -23.47 -10.92
C GLN A 237 35.46 -23.62 -12.26
N GLU A 238 35.86 -24.62 -13.05
CA GLU A 238 35.35 -24.68 -14.39
C GLU A 238 33.81 -25.02 -14.45
N THR A 239 33.42 -25.94 -13.62
CA THR A 239 32.08 -26.49 -13.63
C THR A 239 31.61 -26.53 -12.17
N LEU A 240 30.33 -26.25 -11.98
CA LEU A 240 29.75 -26.53 -10.69
C LEU A 240 29.87 -27.99 -10.31
N GLY A 241 29.92 -28.25 -8.98
CA GLY A 241 30.09 -29.59 -8.47
C GLY A 241 28.93 -30.47 -8.34
N CYS A 242 27.70 -29.92 -8.56
CA CYS A 242 26.57 -30.78 -8.58
C CYS A 242 26.27 -31.42 -7.23
N GLY A 243 26.52 -30.64 -6.20
CA GLY A 243 26.24 -31.06 -4.79
C GLY A 243 24.78 -30.88 -4.33
N ASN A 244 24.40 -31.70 -3.35
CA ASN A 244 23.10 -31.60 -2.70
C ASN A 244 23.25 -31.12 -1.23
N ALA A 245 22.06 -30.97 -0.61
CA ALA A 245 21.93 -30.49 0.74
C ALA A 245 21.15 -31.49 1.51
N LEU A 246 21.83 -32.00 2.60
CA LEU A 246 21.33 -33.05 3.49
C LEU A 246 21.36 -32.47 4.92
N TYR A 247 20.21 -31.88 5.34
CA TYR A 247 20.29 -31.08 6.59
C TYR A 247 21.39 -30.08 6.59
N GLU A 248 21.50 -29.34 5.42
CA GLU A 248 22.39 -28.26 5.19
C GLU A 248 21.51 -27.18 4.47
N THR A 249 21.98 -25.97 4.65
CA THR A 249 21.22 -24.85 4.00
C THR A 249 21.27 -25.09 2.48
N PRO A 250 20.11 -25.18 1.84
CA PRO A 250 20.05 -25.42 0.38
C PRO A 250 20.12 -24.12 -0.39
N THR A 251 20.39 -24.24 -1.67
CA THR A 251 20.40 -23.05 -2.56
C THR A 251 19.99 -23.48 -3.92
N ALA A 252 19.68 -22.51 -4.81
CA ALA A 252 19.39 -22.79 -6.23
C ALA A 252 20.40 -22.07 -7.12
N VAL A 253 21.35 -22.89 -7.61
CA VAL A 253 22.36 -22.37 -8.54
C VAL A 253 22.49 -23.33 -9.76
N LEU A 254 22.37 -22.71 -10.93
CA LEU A 254 22.59 -23.45 -12.16
C LEU A 254 23.77 -22.84 -12.88
N GLN A 255 24.26 -23.62 -13.89
CA GLN A 255 25.32 -23.08 -14.75
C GLN A 255 25.05 -23.37 -16.26
N TYR A 256 25.10 -22.36 -17.07
CA TYR A 256 25.08 -22.49 -18.56
C TYR A 256 26.43 -22.05 -19.07
N ARG A 257 26.93 -22.82 -20.07
CA ARG A 257 28.21 -22.45 -20.68
C ARG A 257 27.87 -22.18 -22.14
N ARG A 258 28.28 -21.01 -22.59
CA ARG A 258 27.92 -20.61 -23.93
C ARG A 258 29.09 -19.92 -24.61
N GLU A 259 29.24 -20.15 -25.92
CA GLU A 259 30.09 -19.30 -26.69
C GLU A 259 29.15 -18.49 -27.56
N LEU A 260 29.10 -17.20 -27.32
CA LEU A 260 28.19 -16.34 -28.04
C LEU A 260 29.01 -15.57 -29.16
N ALA A 261 28.45 -15.65 -30.34
CA ALA A 261 28.97 -14.85 -31.49
C ALA A 261 28.78 -13.40 -31.27
N ALA A 262 29.46 -12.59 -32.06
CA ALA A 262 29.27 -11.18 -32.05
C ALA A 262 27.86 -10.84 -32.24
N GLN A 263 27.35 -9.97 -31.37
CA GLN A 263 25.94 -9.59 -31.42
C GLN A 263 24.94 -10.69 -31.10
N GLU A 264 25.34 -11.88 -30.68
CA GLU A 264 24.39 -12.89 -30.44
C GLU A 264 23.72 -12.69 -28.99
N GLN A 265 22.44 -12.96 -28.98
CA GLN A 265 21.65 -12.86 -27.73
C GLN A 265 21.00 -14.17 -27.54
N GLN A 266 20.95 -14.65 -26.28
CA GLN A 266 20.18 -15.86 -25.96
C GLN A 266 19.22 -15.53 -24.75
N THR A 267 18.13 -16.25 -24.79
CA THR A 267 17.04 -16.05 -23.77
C THR A 267 16.98 -17.34 -22.94
N PHE A 268 16.86 -17.20 -21.58
CA PHE A 268 16.68 -18.30 -20.69
C PHE A 268 15.50 -17.99 -19.75
N ARG A 269 14.63 -18.96 -19.54
CA ARG A 269 13.39 -18.85 -18.70
C ARG A 269 13.57 -19.74 -17.47
N PHE A 270 13.03 -19.21 -16.36
CA PHE A 270 13.00 -19.98 -15.09
C PHE A 270 11.68 -19.67 -14.37
N ILE A 271 11.25 -20.53 -13.52
CA ILE A 271 10.19 -20.18 -12.52
C ILE A 271 10.72 -20.55 -11.11
N PHE A 272 10.26 -19.75 -10.15
CA PHE A 272 10.67 -19.85 -8.76
C PHE A 272 9.45 -19.72 -7.89
N GLY A 273 9.34 -20.55 -6.87
CA GLY A 273 8.16 -20.50 -6.03
C GLY A 273 7.99 -21.67 -5.11
N PRO A 274 6.92 -21.78 -4.40
CA PRO A 274 6.65 -22.85 -3.42
C PRO A 274 5.80 -23.92 -4.08
N ALA A 275 5.88 -25.14 -3.56
CA ALA A 275 5.05 -26.23 -3.99
C ALA A 275 4.88 -27.24 -2.89
N PHE A 276 3.71 -27.85 -2.94
CA PHE A 276 3.41 -28.97 -1.99
C PHE A 276 4.34 -30.16 -2.27
N ASP A 277 4.53 -30.44 -3.58
CA ASP A 277 5.25 -31.63 -4.04
C ASP A 277 5.79 -31.35 -5.45
N GLU A 278 6.58 -32.31 -5.95
CA GLU A 278 7.07 -32.19 -7.32
C GLU A 278 5.95 -32.16 -8.31
N SER A 279 4.84 -32.84 -8.10
CA SER A 279 3.74 -32.82 -9.04
C SER A 279 3.22 -31.38 -9.26
N GLU A 280 3.12 -30.65 -8.13
CA GLU A 280 2.63 -29.27 -8.31
C GLU A 280 3.65 -28.43 -9.03
N ALA A 281 4.95 -28.59 -8.76
CA ALA A 281 6.00 -27.88 -9.45
C ALA A 281 5.89 -28.14 -10.99
N ILE A 282 5.73 -29.41 -11.34
CA ILE A 282 5.58 -29.79 -12.78
C ILE A 282 4.30 -29.19 -13.38
N ALA A 283 3.22 -29.11 -12.62
CA ALA A 283 1.99 -28.49 -13.11
C ALA A 283 2.29 -27.02 -13.44
N LEU A 284 3.00 -26.30 -12.57
CA LEU A 284 3.38 -24.96 -12.85
C LEU A 284 4.29 -24.81 -14.01
N ARG A 285 5.25 -25.76 -14.12
CA ARG A 285 6.12 -25.78 -15.25
C ARG A 285 5.37 -25.92 -16.59
N ASN A 286 4.48 -26.89 -16.66
CA ASN A 286 3.73 -27.13 -17.90
C ASN A 286 2.87 -25.87 -18.25
N LYS A 287 2.28 -25.23 -17.21
CA LYS A 287 1.39 -24.11 -17.45
C LYS A 287 2.15 -22.91 -17.85
N TYR A 288 3.31 -22.63 -17.26
CA TYR A 288 4.01 -21.39 -17.40
C TYR A 288 5.35 -21.34 -18.11
N LEU A 289 6.17 -22.41 -18.02
CA LEU A 289 7.58 -22.24 -18.36
C LEU A 289 7.85 -22.42 -19.81
N SER A 290 7.51 -21.42 -20.59
CA SER A 290 7.71 -21.39 -22.08
C SER A 290 7.48 -19.99 -22.50
N ALA A 291 7.91 -19.70 -23.75
CA ALA A 291 7.57 -18.35 -24.35
C ALA A 291 6.08 -18.18 -24.38
N GLU A 292 5.29 -19.16 -24.75
CA GLU A 292 3.87 -19.05 -24.80
C GLU A 292 3.22 -18.84 -23.40
N GLY A 293 3.78 -19.59 -22.46
CA GLY A 293 3.26 -19.48 -21.09
C GLY A 293 3.55 -18.14 -20.54
N PHE A 294 4.72 -17.63 -20.71
CA PHE A 294 5.08 -16.23 -20.22
C PHE A 294 4.20 -15.18 -20.93
N ALA A 295 4.04 -15.33 -22.25
CA ALA A 295 3.20 -14.33 -22.95
C ALA A 295 1.78 -14.36 -22.52
N LYS A 296 1.19 -15.53 -22.31
CA LYS A 296 -0.22 -15.67 -21.86
C LYS A 296 -0.34 -15.07 -20.46
N ALA A 297 0.58 -15.43 -19.56
CA ALA A 297 0.51 -14.81 -18.24
C ALA A 297 0.61 -13.32 -18.24
N LYS A 298 1.50 -12.74 -19.01
CA LYS A 298 1.72 -11.30 -19.14
C LYS A 298 0.48 -10.63 -19.70
N SER A 299 -0.09 -11.21 -20.73
CA SER A 299 -1.29 -10.61 -21.33
C SER A 299 -2.44 -10.62 -20.27
N GLU A 300 -2.66 -11.72 -19.60
CA GLU A 300 -3.67 -11.84 -18.54
C GLU A 300 -3.38 -10.90 -17.38
N TYR A 301 -2.16 -10.69 -17.02
CA TYR A 301 -1.83 -9.79 -15.90
C TYR A 301 -2.06 -8.33 -16.29
N GLN A 302 -1.61 -7.96 -17.47
CA GLN A 302 -1.80 -6.55 -17.96
C GLN A 302 -3.31 -6.26 -18.02
N THR A 303 -4.11 -7.21 -18.46
CA THR A 303 -5.54 -7.09 -18.43
C THR A 303 -6.11 -6.83 -17.03
N TYR A 304 -5.60 -7.64 -16.09
CA TYR A 304 -5.99 -7.41 -14.62
C TYR A 304 -5.65 -6.05 -14.15
N ILE A 305 -4.44 -5.54 -14.37
CA ILE A 305 -4.07 -4.19 -13.98
C ILE A 305 -4.91 -3.16 -14.72
N THR A 306 -5.15 -3.37 -16.04
CA THR A 306 -6.01 -2.40 -16.74
C THR A 306 -7.40 -2.45 -16.20
N SER A 307 -7.90 -3.57 -15.70
CA SER A 307 -9.23 -3.60 -15.11
C SER A 307 -9.36 -2.72 -13.86
N GLY A 308 -8.23 -2.44 -13.26
CA GLY A 308 -8.12 -1.57 -12.12
C GLY A 308 -7.63 -0.21 -12.36
N LYS A 309 -7.74 0.30 -13.62
CA LYS A 309 -7.11 1.56 -13.97
C LYS A 309 -7.86 2.81 -13.36
N GLY A 310 -9.07 2.62 -12.92
CA GLY A 310 -9.78 3.71 -12.28
C GLY A 310 -10.44 4.71 -13.23
N CYS A 311 -10.77 5.84 -12.65
CA CYS A 311 -11.79 6.70 -13.25
C CYS A 311 -11.22 8.07 -13.57
N LEU A 312 -9.90 8.34 -13.53
CA LEU A 312 -9.40 9.72 -13.64
C LEU A 312 -8.11 9.76 -14.31
N GLN A 313 -8.01 10.43 -15.46
CA GLN A 313 -6.73 10.71 -16.04
C GLN A 313 -6.55 12.22 -16.13
N ILE A 314 -5.39 12.72 -15.82
CA ILE A 314 -5.19 14.19 -15.65
C ILE A 314 -4.07 14.66 -16.55
N ASN A 315 -4.20 15.96 -16.92
CA ASN A 315 -3.15 16.64 -17.68
C ASN A 315 -3.02 18.05 -17.14
N THR A 316 -2.14 18.22 -16.15
CA THR A 316 -1.89 19.44 -15.40
C THR A 316 -0.53 20.00 -15.85
N PRO A 317 -0.26 21.25 -15.42
CA PRO A 317 1.02 21.81 -15.61
C PRO A 317 2.17 21.12 -14.84
N ASP A 318 1.85 20.13 -13.97
CA ASP A 318 2.94 19.47 -13.17
C ASP A 318 3.06 18.02 -13.77
N PRO A 319 4.10 17.75 -14.54
CA PRO A 319 4.21 16.48 -15.21
C PRO A 319 4.56 15.32 -14.21
N GLU A 320 5.17 15.66 -13.09
CA GLU A 320 5.38 14.60 -12.03
C GLU A 320 4.09 14.23 -11.44
N LEU A 321 3.24 15.19 -11.15
CA LEU A 321 1.91 14.83 -10.67
C LEU A 321 1.14 14.03 -11.71
N ASN A 322 1.17 14.44 -12.98
CA ASN A 322 0.47 13.71 -13.97
C ASN A 322 0.88 12.21 -14.00
N ASN A 323 2.20 12.02 -14.01
CA ASN A 323 2.73 10.64 -14.06
C ASN A 323 2.21 9.83 -12.88
N PHE A 324 2.29 10.42 -11.70
CA PHE A 324 1.91 9.62 -10.53
C PHE A 324 0.46 9.28 -10.51
N VAL A 325 -0.40 10.28 -10.71
CA VAL A 325 -1.79 10.06 -10.73
C VAL A 325 -2.25 9.18 -11.79
N ASN A 326 -1.75 9.35 -13.00
CA ASN A 326 -2.23 8.57 -14.13
C ASN A 326 -1.81 7.12 -14.08
N HIS A 327 -0.58 6.90 -13.64
CA HIS A 327 0.08 5.57 -13.88
C HIS A 327 0.31 4.77 -12.62
N TRP A 328 0.43 5.40 -11.51
CA TRP A 328 0.87 4.69 -10.28
C TRP A 328 -0.14 4.65 -9.19
N LEU A 329 -0.89 5.75 -8.96
CA LEU A 329 -1.88 5.82 -7.94
C LEU A 329 -2.96 4.76 -8.06
N PRO A 330 -3.55 4.59 -9.26
CA PRO A 330 -4.73 3.72 -9.32
C PRO A 330 -4.28 2.24 -9.03
N ARG A 331 -3.13 1.83 -9.54
CA ARG A 331 -2.67 0.47 -9.23
C ARG A 331 -2.46 0.25 -7.72
N GLN A 332 -1.94 1.29 -7.06
CA GLN A 332 -1.78 1.11 -5.59
C GLN A 332 -3.07 1.03 -4.87
N VAL A 333 -4.09 1.85 -5.27
CA VAL A 333 -5.40 1.76 -4.70
C VAL A 333 -6.06 0.37 -4.92
N PHE A 334 -5.95 -0.07 -6.18
CA PHE A 334 -6.50 -1.33 -6.65
C PHE A 334 -5.97 -2.53 -5.81
N TYR A 335 -4.65 -2.51 -5.60
CA TYR A 335 -4.04 -3.61 -4.77
C TYR A 335 -4.73 -3.75 -3.45
N HIS A 336 -4.99 -2.58 -2.80
CA HIS A 336 -5.54 -2.62 -1.46
C HIS A 336 -6.92 -3.22 -1.36
N GLY A 337 -7.80 -2.78 -2.24
CA GLY A 337 -9.14 -3.34 -2.18
C GLY A 337 -9.29 -4.68 -2.85
N ASP A 338 -8.45 -4.97 -3.83
CA ASP A 338 -8.62 -6.23 -4.53
C ASP A 338 -8.16 -7.48 -3.69
N VAL A 339 -7.04 -7.30 -2.95
CA VAL A 339 -6.55 -8.42 -2.19
C VAL A 339 -6.49 -8.13 -0.68
N ASN A 340 -7.00 -6.94 -0.24
CA ASN A 340 -7.09 -6.68 1.17
C ASN A 340 -5.80 -6.93 1.93
N ARG A 341 -4.71 -6.47 1.35
CA ARG A 341 -3.39 -6.52 2.00
C ARG A 341 -2.88 -7.97 2.29
N LEU A 342 -3.52 -8.94 1.68
CA LEU A 342 -3.06 -10.38 1.87
C LEU A 342 -3.02 -10.81 3.35
N THR A 343 -4.17 -10.56 4.01
CA THR A 343 -4.43 -10.98 5.35
C THR A 343 -5.81 -11.64 5.32
N THR A 344 -6.03 -12.73 6.11
CA THR A 344 -7.25 -13.35 6.18
C THR A 344 -8.21 -12.67 7.24
N ASP A 345 -7.65 -11.77 8.01
CA ASP A 345 -8.40 -10.98 9.01
C ASP A 345 -7.96 -9.56 8.95
N PRO A 346 -8.37 -8.83 7.87
CA PRO A 346 -8.09 -7.40 7.81
C PRO A 346 -8.69 -6.73 9.03
N GLN A 347 -7.92 -5.75 9.48
CA GLN A 347 -8.37 -4.77 10.47
C GLN A 347 -9.62 -4.13 9.86
N THR A 348 -10.64 -4.03 10.71
CA THR A 348 -11.93 -3.49 10.14
C THR A 348 -11.78 -2.11 9.56
N ARG A 349 -11.07 -1.15 10.15
CA ARG A 349 -10.87 0.14 9.59
C ARG A 349 -10.11 0.10 8.28
N ASN A 350 -9.19 -0.90 8.12
CA ASN A 350 -8.50 -1.07 6.89
C ASN A 350 -9.39 -1.67 5.80
N TYR A 351 -10.14 -2.65 6.13
CA TYR A 351 -11.07 -3.26 5.16
C TYR A 351 -12.05 -2.23 4.59
N ILE A 352 -12.61 -1.44 5.52
CA ILE A 352 -13.64 -0.45 5.06
C ILE A 352 -12.95 0.66 4.29
N GLN A 353 -11.84 1.24 4.66
CA GLN A 353 -11.17 2.26 3.96
C GLN A 353 -10.60 1.80 2.61
N ASP A 354 -9.94 0.62 2.56
CA ASP A 354 -9.42 0.17 1.32
C ASP A 354 -10.57 -0.10 0.34
N ASN A 355 -11.69 -0.64 0.79
CA ASN A 355 -12.83 -0.90 -0.08
C ASN A 355 -13.43 0.47 -0.50
N MET A 356 -13.35 1.49 0.34
CA MET A 356 -13.81 2.81 -0.11
C MET A 356 -13.10 3.25 -1.33
N GLY A 357 -11.76 3.02 -1.45
CA GLY A 357 -11.04 3.34 -2.63
C GLY A 357 -11.55 2.65 -3.87
N MET A 358 -12.03 1.44 -3.73
CA MET A 358 -12.57 0.67 -4.77
C MET A 358 -13.82 1.23 -5.38
N SER A 359 -14.48 2.18 -4.67
CA SER A 359 -15.67 2.77 -5.20
C SER A 359 -15.31 3.45 -6.50
N TYR A 360 -14.07 3.91 -6.73
CA TYR A 360 -13.61 4.67 -7.91
C TYR A 360 -13.01 3.76 -8.98
N ILE A 361 -13.02 2.42 -8.70
CA ILE A 361 -12.26 1.41 -9.53
C ILE A 361 -13.14 0.26 -9.95
N LYS A 362 -13.75 -0.46 -9.00
CA LYS A 362 -14.67 -1.51 -9.21
C LYS A 362 -15.63 -1.53 -8.07
N PRO A 363 -16.68 -0.66 -8.17
CA PRO A 363 -17.57 -0.46 -7.02
C PRO A 363 -18.36 -1.66 -6.64
N ASN A 364 -18.53 -2.68 -7.45
CA ASN A 364 -19.23 -3.84 -6.98
C ASN A 364 -18.41 -4.54 -5.86
N ILE A 365 -17.10 -4.39 -5.91
CA ILE A 365 -16.26 -4.91 -4.83
C ILE A 365 -16.53 -4.21 -3.52
N THR A 366 -16.70 -2.91 -3.57
CA THR A 366 -17.05 -2.08 -2.41
C THR A 366 -18.36 -2.54 -1.86
N ARG A 367 -19.36 -2.70 -2.73
CA ARG A 367 -20.68 -3.07 -2.32
C ARG A 367 -20.67 -4.35 -1.52
N GLN A 368 -19.97 -5.36 -2.06
CA GLN A 368 -19.92 -6.68 -1.42
C GLN A 368 -19.13 -6.57 -0.10
N ALA A 369 -18.14 -5.73 -0.05
CA ALA A 369 -17.38 -5.54 1.17
C ALA A 369 -18.23 -5.02 2.31
N PHE A 370 -19.16 -4.10 2.01
CA PHE A 370 -20.03 -3.63 3.09
C PHE A 370 -20.90 -4.73 3.53
N LEU A 371 -21.46 -5.52 2.64
CA LEU A 371 -22.32 -6.64 2.93
C LEU A 371 -21.52 -7.65 3.84
N HIS A 372 -20.32 -7.92 3.43
CA HIS A 372 -19.49 -8.90 4.19
C HIS A 372 -19.15 -8.36 5.58
N ALA A 373 -18.71 -7.12 5.68
CA ALA A 373 -18.30 -6.52 6.94
C ALA A 373 -19.55 -6.52 7.92
N LEU A 374 -20.72 -6.07 7.38
CA LEU A 374 -21.86 -5.93 8.27
C LEU A 374 -22.39 -7.24 8.70
N SER A 375 -22.18 -8.32 7.94
CA SER A 375 -22.61 -9.64 8.37
C SER A 375 -21.89 -10.10 9.66
N GLN A 376 -20.81 -9.46 9.91
CA GLN A 376 -19.98 -9.81 11.11
C GLN A 376 -20.13 -8.82 12.27
N GLN A 377 -21.05 -7.83 12.12
CA GLN A 377 -21.36 -6.95 13.20
C GLN A 377 -21.97 -7.70 14.37
N GLU A 378 -21.58 -7.22 15.55
CA GLU A 378 -22.09 -7.83 16.76
C GLU A 378 -23.55 -7.37 16.97
N GLU A 379 -24.26 -8.19 17.69
CA GLU A 379 -25.71 -7.87 17.97
C GLU A 379 -25.87 -6.59 18.76
N SER A 380 -24.87 -6.21 19.52
CA SER A 380 -24.89 -4.92 20.20
C SER A 380 -24.87 -3.68 19.29
N GLY A 381 -24.46 -3.90 18.01
CA GLY A 381 -24.18 -2.83 17.14
C GLY A 381 -22.68 -2.59 16.91
N ALA A 382 -21.89 -3.02 17.89
CA ALA A 382 -20.45 -2.86 17.75
C ALA A 382 -19.96 -3.68 16.55
N MET A 383 -18.86 -3.12 16.00
CA MET A 383 -18.15 -3.88 14.95
C MET A 383 -16.91 -4.56 15.63
N PRO A 384 -16.63 -5.75 15.08
CA PRO A 384 -15.37 -6.43 15.52
C PRO A 384 -14.15 -5.75 15.09
N ASP A 385 -13.00 -6.12 15.71
CA ASP A 385 -11.81 -5.37 15.43
C ASP A 385 -11.23 -5.75 14.03
N GLY A 386 -11.49 -6.94 13.60
CA GLY A 386 -11.23 -7.40 12.25
C GLY A 386 -12.39 -8.06 11.56
N ILE A 387 -12.28 -8.23 10.20
CA ILE A 387 -13.23 -8.92 9.45
C ILE A 387 -12.60 -10.18 8.88
N LEU A 388 -13.21 -11.29 9.13
CA LEU A 388 -12.74 -12.60 8.66
C LEU A 388 -13.09 -12.76 7.19
N LEU A 389 -12.11 -13.14 6.34
CA LEU A 389 -12.36 -13.36 4.94
C LEU A 389 -12.44 -14.83 4.51
N LEU A 390 -12.19 -15.71 5.46
CA LEU A 390 -12.19 -17.20 5.13
C LEU A 390 -12.74 -17.89 6.34
N GLU A 391 -13.56 -18.88 6.13
CA GLU A 391 -14.05 -19.66 7.25
C GLU A 391 -12.82 -20.31 7.97
N GLY A 392 -12.88 -20.25 9.27
CA GLY A 392 -11.81 -20.83 10.05
C GLY A 392 -10.73 -19.81 10.39
N ALA A 393 -10.63 -18.67 9.66
CA ALA A 393 -9.58 -17.68 10.03
C ALA A 393 -9.90 -17.13 11.45
N GLU A 394 -8.89 -16.51 12.04
CA GLU A 394 -9.00 -15.85 13.36
C GLU A 394 -8.42 -14.50 13.40
N LEU A 395 -8.90 -13.71 14.41
CA LEU A 395 -8.35 -12.43 14.70
C LEU A 395 -6.92 -12.64 15.24
N LYS A 396 -5.98 -11.91 14.67
CA LYS A 396 -4.52 -11.99 14.96
C LYS A 396 -3.94 -10.69 15.36
N TYR A 397 -2.86 -10.75 16.17
CA TYR A 397 -2.03 -9.62 16.50
C TYR A 397 -2.89 -8.44 17.03
N ILE A 398 -2.83 -7.26 16.39
CA ILE A 398 -3.46 -6.06 17.02
C ILE A 398 -4.92 -6.30 17.10
N ASN A 399 -5.48 -7.14 16.22
CA ASN A 399 -6.92 -7.37 16.24
C ASN A 399 -7.48 -8.10 17.48
N GLN A 400 -6.60 -8.61 18.32
CA GLN A 400 -7.03 -9.24 19.60
C GLN A 400 -6.94 -8.17 20.74
N ILE A 401 -6.50 -6.96 20.47
CA ILE A 401 -6.29 -5.95 21.55
C ILE A 401 -7.44 -4.90 21.38
N PRO A 402 -8.27 -4.69 22.42
CA PRO A 402 -9.49 -3.94 22.17
C PRO A 402 -9.33 -2.50 21.79
N HIS A 403 -9.79 -2.17 20.55
CA HIS A 403 -9.87 -0.78 20.06
C HIS A 403 -11.34 -0.45 19.83
N THR A 404 -11.59 0.86 19.80
CA THR A 404 -13.02 1.26 19.96
C THR A 404 -13.62 1.97 18.68
N ASP A 405 -12.82 2.23 17.64
CA ASP A 405 -13.23 3.15 16.58
C ASP A 405 -13.94 2.50 15.36
N HIS A 406 -14.06 1.18 15.33
CA HIS A 406 -14.41 0.40 14.13
C HIS A 406 -15.67 0.87 13.42
N CYS A 407 -16.68 1.23 14.25
CA CYS A 407 -17.93 1.67 13.61
C CYS A 407 -17.84 2.98 12.93
N VAL A 408 -16.94 3.88 13.26
CA VAL A 408 -16.90 5.23 12.70
C VAL A 408 -16.73 5.17 11.21
N TRP A 409 -15.98 4.20 10.71
CA TRP A 409 -15.64 4.12 9.30
C TRP A 409 -16.82 3.78 8.43
N LEU A 410 -17.85 3.16 8.97
CA LEU A 410 -18.95 2.74 8.17
C LEU A 410 -19.62 3.92 7.39
N PRO A 411 -20.16 4.90 8.10
CA PRO A 411 -20.79 5.96 7.30
C PRO A 411 -19.83 6.86 6.66
N VAL A 412 -18.63 7.08 7.22
CA VAL A 412 -17.63 7.91 6.64
C VAL A 412 -17.23 7.34 5.22
N CYS A 413 -17.10 6.05 5.12
CA CYS A 413 -16.70 5.47 3.82
C CYS A 413 -17.90 5.12 2.95
N MET A 414 -19.03 4.78 3.54
CA MET A 414 -20.29 4.53 2.79
C MET A 414 -20.61 5.84 2.04
N GLN A 415 -20.26 7.00 2.58
CA GLN A 415 -20.70 8.25 1.92
C GLN A 415 -20.06 8.30 0.50
N ALA A 416 -18.79 7.92 0.38
CA ALA A 416 -18.06 7.90 -0.89
C ALA A 416 -18.72 6.93 -1.84
N TYR A 417 -19.12 5.76 -1.39
CA TYR A 417 -19.76 4.79 -2.21
C TYR A 417 -21.10 5.34 -2.75
N LEU A 418 -21.86 5.92 -1.85
CA LEU A 418 -23.21 6.38 -2.26
C LEU A 418 -23.08 7.57 -3.23
N ASP A 419 -22.16 8.47 -2.97
CA ASP A 419 -21.94 9.60 -3.84
C ASP A 419 -21.47 9.20 -5.21
N GLU A 420 -20.54 8.23 -5.30
CA GLU A 420 -20.06 7.81 -6.58
C GLU A 420 -21.06 7.01 -7.38
N THR A 421 -21.75 6.06 -6.83
CA THR A 421 -22.58 5.08 -7.49
C THR A 421 -24.11 5.46 -7.49
N ASN A 422 -24.53 6.24 -6.49
CA ASN A 422 -25.97 6.39 -6.22
C ASN A 422 -26.68 5.14 -5.87
N ASP A 423 -25.99 4.07 -5.32
CA ASP A 423 -26.57 2.84 -4.99
C ASP A 423 -27.09 2.86 -3.56
N TYR A 424 -28.11 3.75 -3.32
CA TYR A 424 -28.91 3.69 -2.12
C TYR A 424 -29.65 2.42 -1.92
N ALA A 425 -29.90 1.63 -2.99
CA ALA A 425 -30.56 0.38 -2.93
C ALA A 425 -29.73 -0.70 -2.11
N LEU A 426 -28.46 -0.41 -2.00
CA LEU A 426 -27.67 -1.28 -1.03
C LEU A 426 -28.24 -1.27 0.35
N LEU A 427 -28.77 -0.10 0.75
CA LEU A 427 -29.27 0.01 2.08
C LEU A 427 -30.39 -0.91 2.41
N ASP A 428 -31.10 -1.42 1.40
CA ASP A 428 -32.14 -2.39 1.56
C ASP A 428 -31.81 -3.87 1.63
N GLU A 429 -30.51 -4.18 1.34
CA GLU A 429 -30.06 -5.56 1.39
C GLU A 429 -30.11 -6.07 2.82
N ILE A 430 -30.50 -7.31 2.96
CA ILE A 430 -30.68 -7.98 4.22
C ILE A 430 -29.38 -8.81 4.53
N VAL A 431 -28.85 -8.62 5.77
CA VAL A 431 -27.67 -9.43 6.17
C VAL A 431 -27.85 -9.78 7.64
N PRO A 432 -27.29 -10.93 7.97
CA PRO A 432 -27.25 -11.39 9.39
C PRO A 432 -26.26 -10.57 10.22
N TYR A 433 -26.15 -11.01 11.50
CA TYR A 433 -25.16 -10.58 12.44
C TYR A 433 -24.23 -11.72 12.79
N ALA A 434 -23.18 -11.35 13.54
CA ALA A 434 -22.12 -12.33 13.92
C ALA A 434 -22.68 -13.47 14.76
N SER A 435 -23.69 -13.19 15.56
CA SER A 435 -24.36 -14.23 16.37
C SER A 435 -25.83 -13.95 16.34
N GLY A 436 -26.63 -14.90 16.79
CA GLY A 436 -28.06 -14.67 16.84
C GLY A 436 -28.68 -14.92 15.45
N GLU A 437 -30.02 -14.77 15.41
CA GLU A 437 -30.80 -15.19 14.27
C GLU A 437 -31.33 -14.00 13.53
N LYS A 438 -30.97 -12.79 13.93
CA LYS A 438 -31.60 -11.58 13.42
C LYS A 438 -31.05 -11.33 11.99
N ARG A 439 -31.88 -11.02 11.04
CA ARG A 439 -31.41 -10.60 9.67
C ARG A 439 -32.11 -9.30 9.43
N GLU A 440 -31.33 -8.28 9.13
CA GLU A 440 -31.85 -6.91 9.10
C GLU A 440 -31.24 -6.22 7.85
N THR A 441 -31.83 -5.11 7.44
CA THR A 441 -31.29 -4.41 6.32
C THR A 441 -29.95 -3.74 6.67
N VAL A 442 -29.15 -3.48 5.69
CA VAL A 442 -27.95 -2.63 5.81
C VAL A 442 -28.22 -1.38 6.59
N GLU A 443 -29.33 -0.68 6.20
CA GLU A 443 -29.71 0.54 6.89
C GLU A 443 -29.89 0.30 8.43
N GLN A 444 -30.59 -0.74 8.79
CA GLN A 444 -30.77 -1.04 10.21
C GLN A 444 -29.40 -1.35 10.87
N HIS A 445 -28.56 -2.12 10.19
CA HIS A 445 -27.25 -2.40 10.76
C HIS A 445 -26.54 -1.07 11.01
N MET A 446 -26.57 -0.07 10.09
CA MET A 446 -25.88 1.17 10.20
C MET A 446 -26.44 1.97 11.39
N HIS A 447 -27.77 2.01 11.51
CA HIS A 447 -28.37 2.68 12.67
C HIS A 447 -27.77 2.03 13.95
N HIS A 448 -27.71 0.71 13.99
CA HIS A 448 -27.21 0.03 15.25
C HIS A 448 -25.73 0.39 15.48
N ALA A 449 -24.93 0.53 14.44
CA ALA A 449 -23.57 0.99 14.60
C ALA A 449 -23.45 2.36 15.18
N MET A 450 -24.33 3.30 14.74
CA MET A 450 -24.26 4.66 15.20
C MET A 450 -24.79 4.73 16.67
N ARG A 451 -25.81 3.93 16.99
CA ARG A 451 -26.30 3.79 18.38
C ARG A 451 -25.20 3.22 19.29
N TRP A 452 -24.39 2.28 18.74
CA TRP A 452 -23.26 1.76 19.49
C TRP A 452 -22.33 2.88 19.80
N LEU A 453 -21.92 3.73 18.85
CA LEU A 453 -20.96 4.79 19.09
C LEU A 453 -21.49 5.79 20.15
N LEU A 454 -22.78 6.03 20.08
CA LEU A 454 -23.44 6.93 21.07
C LEU A 454 -23.47 6.33 22.47
N GLN A 455 -23.62 5.06 22.60
CA GLN A 455 -23.69 4.35 23.89
C GLN A 455 -22.26 4.22 24.48
N ALA A 456 -21.20 4.15 23.65
CA ALA A 456 -19.83 3.81 24.12
C ALA A 456 -19.10 5.10 24.51
N ARG A 457 -19.78 5.98 25.34
CA ARG A 457 -19.28 7.21 25.78
C ARG A 457 -19.46 7.32 27.33
N ASP A 458 -18.60 8.10 27.89
CA ASP A 458 -18.60 8.25 29.40
C ASP A 458 -19.64 9.24 29.82
N GLU A 459 -19.63 9.53 31.14
CA GLU A 459 -20.59 10.55 31.61
C GLU A 459 -20.39 11.92 31.11
N ARG A 460 -19.21 12.29 30.65
CA ARG A 460 -18.98 13.55 30.02
C ARG A 460 -19.50 13.60 28.55
N GLY A 461 -19.87 12.47 28.01
CA GLY A 461 -20.30 12.42 26.58
C GLY A 461 -19.12 12.15 25.62
N LEU A 462 -17.98 11.67 26.13
CA LEU A 462 -16.80 11.43 25.28
C LEU A 462 -16.53 9.96 25.07
N SER A 463 -16.06 9.60 23.84
CA SER A 463 -15.88 8.22 23.46
C SER A 463 -14.80 7.45 24.23
N PHE A 464 -15.14 6.33 24.78
CA PHE A 464 -14.09 5.47 25.43
C PHE A 464 -13.07 5.07 24.37
N ILE A 465 -11.79 5.03 24.79
CA ILE A 465 -10.66 4.63 23.96
C ILE A 465 -10.15 3.20 24.23
N ALA A 466 -10.42 2.59 25.39
CA ALA A 466 -9.93 1.23 25.72
C ALA A 466 -8.41 1.19 25.42
N GLN A 467 -7.98 0.20 24.64
CA GLN A 467 -6.52 0.04 24.24
C GLN A 467 -6.24 0.53 22.85
N GLY A 468 -7.05 1.48 22.37
CA GLY A 468 -6.65 2.26 21.23
C GLY A 468 -7.85 2.65 20.28
N ASP A 469 -7.49 3.58 19.43
CA ASP A 469 -8.50 4.03 18.41
C ASP A 469 -7.82 3.92 17.06
N TRP A 470 -8.00 4.85 16.11
CA TRP A 470 -7.22 4.86 14.86
C TRP A 470 -5.74 4.65 15.06
N CYS A 471 -5.18 5.28 16.15
CA CYS A 471 -3.75 5.12 16.49
C CYS A 471 -3.67 3.78 17.21
N ASP A 472 -3.26 2.76 16.43
CA ASP A 472 -3.22 1.38 16.94
C ASP A 472 -2.43 1.21 18.29
N PRO A 473 -1.27 1.84 18.38
CA PRO A 473 -0.41 1.64 19.58
C PRO A 473 -0.67 2.65 20.68
N MET A 474 -1.81 3.34 20.61
CA MET A 474 -2.21 4.27 21.68
C MET A 474 -3.02 3.56 22.70
N ASN A 475 -2.31 2.71 23.54
CA ASN A 475 -2.94 1.68 24.28
C ASN A 475 -3.10 1.88 25.82
N MET A 476 -2.56 2.96 26.33
CA MET A 476 -2.54 3.18 27.79
C MET A 476 -3.31 4.38 28.22
N VAL A 477 -4.07 5.00 27.30
CA VAL A 477 -4.92 6.12 27.69
C VAL A 477 -6.16 5.60 28.41
N GLY A 478 -6.76 4.48 28.04
CA GLY A 478 -8.02 4.01 28.52
C GLY A 478 -8.06 2.64 28.90
N TYR A 479 -6.86 2.01 29.11
CA TYR A 479 -6.86 0.58 29.40
C TYR A 479 -7.51 0.15 30.75
N LYS A 480 -7.65 1.10 31.66
CA LYS A 480 -8.35 0.84 32.94
C LYS A 480 -9.85 1.08 32.83
N GLY A 481 -10.36 1.52 31.68
CA GLY A 481 -11.78 1.50 31.43
C GLY A 481 -12.41 2.87 31.55
N LYS A 482 -11.65 3.91 31.84
CA LYS A 482 -12.18 5.28 32.00
C LYS A 482 -11.72 6.26 30.93
N GLY A 483 -10.53 6.07 30.34
CA GLY A 483 -10.02 7.04 29.43
C GLY A 483 -10.86 7.13 28.14
N VAL A 484 -10.78 8.32 27.61
CA VAL A 484 -11.55 8.66 26.38
C VAL A 484 -10.66 9.29 25.36
N SER A 485 -11.17 9.21 24.09
CA SER A 485 -10.47 9.75 22.92
C SER A 485 -11.10 10.99 22.39
N GLY A 486 -10.23 12.00 22.22
CA GLY A 486 -10.50 13.24 21.62
C GLY A 486 -10.82 12.99 20.15
N TRP A 487 -9.95 12.23 19.47
CA TRP A 487 -10.20 11.96 18.04
C TRP A 487 -11.43 11.19 17.86
N LEU A 488 -11.71 10.17 18.60
CA LEU A 488 -12.84 9.29 18.35
C LEU A 488 -14.16 10.11 18.56
N SER A 489 -14.11 10.97 19.55
CA SER A 489 -15.26 11.87 19.74
C SER A 489 -15.54 12.72 18.54
N VAL A 490 -14.61 13.49 18.07
CA VAL A 490 -14.85 14.39 16.92
C VAL A 490 -15.26 13.58 15.69
N ALA A 491 -14.62 12.37 15.51
CA ALA A 491 -14.95 11.58 14.31
C ALA A 491 -16.29 10.98 14.41
N THR A 492 -16.77 10.63 15.60
CA THR A 492 -18.11 10.09 15.80
C THR A 492 -19.12 11.21 15.43
N ALA A 493 -18.85 12.42 15.79
CA ALA A 493 -19.76 13.57 15.38
C ALA A 493 -19.87 13.65 13.84
N TYR A 494 -18.75 13.52 13.16
CA TYR A 494 -18.74 13.44 11.70
C TYR A 494 -19.52 12.28 11.19
N ALA A 495 -19.29 11.10 11.70
CA ALA A 495 -19.97 9.93 11.23
C ALA A 495 -21.52 10.13 11.37
N LEU A 496 -21.92 10.62 12.52
CA LEU A 496 -23.34 10.77 12.85
C LEU A 496 -23.94 11.84 11.92
N ASN A 497 -23.25 12.94 11.72
CA ASN A 497 -23.77 13.99 10.81
C ASN A 497 -23.96 13.44 9.36
N LEU A 498 -22.96 12.63 8.90
CA LEU A 498 -23.09 12.03 7.53
C LEU A 498 -24.25 11.10 7.52
N TRP A 499 -24.34 10.18 8.49
CA TRP A 499 -25.38 9.19 8.47
C TRP A 499 -26.79 9.87 8.61
N ALA A 500 -26.86 10.95 9.39
CA ALA A 500 -28.17 11.67 9.46
C ALA A 500 -28.53 12.21 8.09
N ASP A 501 -27.58 12.68 7.34
CA ASP A 501 -27.89 13.16 5.95
C ASP A 501 -28.40 12.04 5.07
N VAL A 502 -27.84 10.84 5.21
CA VAL A 502 -28.37 9.68 4.48
C VAL A 502 -29.75 9.34 4.87
N CYS A 503 -30.03 9.36 6.20
CA CYS A 503 -31.33 9.04 6.75
C CYS A 503 -32.39 10.07 6.16
N GLU A 504 -31.99 11.34 6.14
CA GLU A 504 -32.88 12.39 5.61
C GLU A 504 -33.16 12.03 4.05
N GLN A 505 -32.15 11.61 3.28
CA GLN A 505 -32.34 11.26 1.86
C GLN A 505 -33.26 10.06 1.75
N ARG A 506 -33.23 9.14 2.70
CA ARG A 506 -34.03 7.92 2.77
C ARG A 506 -35.40 8.04 3.46
N GLN A 507 -35.76 9.27 3.86
CA GLN A 507 -37.00 9.58 4.61
C GLN A 507 -37.09 8.92 5.95
N GLN A 508 -35.89 8.68 6.61
CA GLN A 508 -35.82 8.08 7.91
C GLN A 508 -35.58 9.28 8.84
N ASN A 509 -36.68 10.00 9.18
CA ASN A 509 -36.54 11.33 9.78
C ASN A 509 -36.27 11.29 11.25
N SER A 510 -36.80 10.29 11.91
CA SER A 510 -36.54 10.13 13.30
C SER A 510 -35.03 9.85 13.57
N CYS A 511 -34.49 8.96 12.73
CA CYS A 511 -33.07 8.66 12.76
C CYS A 511 -32.25 9.85 12.48
N ALA A 512 -32.60 10.69 11.51
CA ALA A 512 -31.84 11.83 11.19
C ALA A 512 -31.79 12.75 12.40
N ASN A 513 -32.97 12.95 13.03
CA ASN A 513 -32.98 13.83 14.22
C ASN A 513 -32.12 13.28 15.34
N GLU A 514 -32.27 12.03 15.66
CA GLU A 514 -31.57 11.32 16.74
C GLU A 514 -30.03 11.49 16.49
N PHE A 515 -29.61 11.23 15.27
CA PHE A 515 -28.12 11.30 15.12
C PHE A 515 -27.59 12.64 15.01
N ARG A 516 -28.34 13.59 14.47
CA ARG A 516 -27.93 14.97 14.49
C ARG A 516 -27.80 15.50 15.96
N GLN A 517 -28.74 15.10 16.77
CA GLN A 517 -28.71 15.54 18.17
C GLN A 517 -27.47 14.91 18.89
N GLY A 518 -27.22 13.64 18.56
CA GLY A 518 -26.02 12.91 19.08
C GLY A 518 -24.79 13.72 18.75
N ALA A 519 -24.65 14.10 17.48
CA ALA A 519 -23.47 14.79 17.02
C ALA A 519 -23.26 16.16 17.75
N LYS A 520 -24.37 16.92 17.89
CA LYS A 520 -24.27 18.16 18.70
C LYS A 520 -23.89 17.94 20.14
N ASP A 521 -24.39 16.88 20.72
CA ASP A 521 -24.06 16.58 22.12
C ASP A 521 -22.58 16.27 22.25
N ILE A 522 -22.08 15.44 21.32
CA ILE A 522 -20.65 15.16 21.38
C ILE A 522 -19.79 16.31 21.14
N ASN A 523 -20.11 17.19 20.17
CA ASN A 523 -19.35 18.30 19.87
C ASN A 523 -19.29 19.29 21.08
N ALA A 524 -20.42 19.40 21.73
CA ALA A 524 -20.47 20.31 22.90
C ALA A 524 -19.51 19.73 24.00
N ALA A 525 -19.53 18.42 24.17
CA ALA A 525 -18.63 17.76 25.18
C ALA A 525 -17.19 17.98 24.81
N VAL A 526 -16.86 17.79 23.50
CA VAL A 526 -15.56 18.06 23.03
C VAL A 526 -15.06 19.52 23.29
N ASN A 527 -15.92 20.50 22.99
CA ASN A 527 -15.60 21.85 23.25
C ASN A 527 -15.41 22.15 24.78
N LYS A 528 -16.14 21.48 25.55
CA LYS A 528 -16.08 21.70 27.03
C LYS A 528 -14.81 21.06 27.65
N HIS A 529 -14.47 19.86 27.16
CA HIS A 529 -13.43 19.02 27.85
C HIS A 529 -12.16 18.82 27.08
N ILE A 530 -12.24 18.91 25.76
CA ILE A 530 -11.07 18.55 24.87
C ILE A 530 -10.32 19.73 24.27
N TRP A 531 -11.05 20.86 23.91
CA TRP A 531 -10.47 22.01 23.38
C TRP A 531 -9.51 22.61 24.42
N ASP A 532 -8.32 22.95 23.96
CA ASP A 532 -7.19 23.39 24.79
C ASP A 532 -6.85 24.81 24.55
N GLY A 533 -7.72 25.54 23.82
CA GLY A 533 -7.48 27.00 23.57
C GLY A 533 -6.98 27.47 22.27
N GLU A 534 -6.04 26.74 21.63
CA GLU A 534 -5.57 26.95 20.32
C GLU A 534 -5.72 25.67 19.39
N TRP A 535 -5.99 24.49 20.02
CA TRP A 535 -6.21 23.28 19.23
C TRP A 535 -6.91 22.32 20.11
N PHE A 536 -7.45 21.19 19.59
CA PHE A 536 -8.12 20.19 20.33
C PHE A 536 -7.07 19.17 20.88
N GLY A 537 -7.26 18.84 22.15
CA GLY A 537 -6.45 17.79 22.74
C GLY A 537 -6.72 16.44 22.09
N ARG A 538 -5.95 15.42 22.53
CA ARG A 538 -6.01 14.09 21.90
C ARG A 538 -6.81 13.08 22.65
N GLY A 539 -6.95 13.24 23.96
CA GLY A 539 -7.64 12.33 24.80
C GLY A 539 -7.53 12.68 26.33
N ILE A 540 -8.29 12.01 27.11
CA ILE A 540 -8.23 12.19 28.60
C ILE A 540 -8.00 10.82 29.13
N THR A 541 -6.92 10.71 29.93
CA THR A 541 -6.50 9.41 30.49
C THR A 541 -7.41 8.86 31.52
N ASP A 542 -7.23 7.63 31.93
CA ASP A 542 -8.05 6.97 32.94
C ASP A 542 -8.04 7.83 34.26
N ASP A 543 -6.94 8.52 34.49
CA ASP A 543 -6.79 9.34 35.75
C ASP A 543 -7.17 10.78 35.51
N GLY A 544 -7.83 11.08 34.39
CA GLY A 544 -8.30 12.42 34.09
C GLY A 544 -7.47 13.49 33.57
N VAL A 545 -6.35 13.14 32.95
CA VAL A 545 -5.44 14.02 32.38
C VAL A 545 -5.67 14.22 30.90
N LEU A 546 -5.84 15.45 30.48
CA LEU A 546 -5.89 15.84 29.04
C LEU A 546 -4.55 15.94 28.49
N PHE A 547 -4.29 15.18 27.39
CA PHE A 547 -3.03 15.27 26.74
C PHE A 547 -3.10 15.68 25.28
N GLY A 548 -1.98 15.93 24.64
CA GLY A 548 -1.97 16.58 23.34
C GLY A 548 -2.33 18.03 23.49
N THR A 549 -1.76 18.62 24.52
CA THR A 549 -2.05 20.02 24.88
C THR A 549 -0.84 20.89 25.01
N SER A 550 -1.04 22.23 25.13
CA SER A 550 0.12 23.13 25.19
C SER A 550 1.01 22.93 26.42
N LYS A 551 0.51 22.26 27.41
CA LYS A 551 1.33 21.96 28.62
C LYS A 551 2.19 20.76 28.45
N ASP A 552 1.99 20.00 27.37
CA ASP A 552 2.86 18.85 27.15
C ASP A 552 4.04 19.20 26.32
N LYS A 553 5.23 18.75 26.81
CA LYS A 553 6.38 19.07 26.10
C LYS A 553 6.53 18.21 24.78
N GLU A 554 6.34 16.90 24.94
CA GLU A 554 6.27 16.01 23.80
C GLU A 554 4.84 15.71 23.51
N GLY A 555 4.50 15.50 22.22
CA GLY A 555 3.11 15.26 21.91
C GLY A 555 2.23 16.47 22.32
N ARG A 556 2.75 17.60 21.94
CA ARG A 556 2.06 18.87 22.28
C ARG A 556 0.81 19.11 21.44
N ILE A 557 0.87 18.64 20.18
CA ILE A 557 -0.32 18.73 19.28
C ILE A 557 -0.30 17.43 18.44
N PHE A 558 -1.52 16.93 18.28
CA PHE A 558 -1.78 15.82 17.37
C PHE A 558 -2.62 16.34 16.18
N LEU A 559 -2.31 15.85 15.00
CA LEU A 559 -3.06 16.27 13.77
C LEU A 559 -4.47 15.81 13.75
N ASN A 560 -4.76 14.58 14.13
CA ASN A 560 -6.06 13.97 13.93
C ASN A 560 -7.19 14.70 14.58
N PRO A 561 -7.05 15.13 15.86
CA PRO A 561 -8.22 15.78 16.46
C PRO A 561 -8.53 17.08 15.67
N GLN A 562 -7.58 17.69 15.03
CA GLN A 562 -7.82 18.94 14.31
C GLN A 562 -8.62 18.61 13.03
N SER A 563 -8.09 17.69 12.21
CA SER A 563 -8.85 17.37 10.99
C SER A 563 -10.24 16.92 11.22
N TRP A 564 -10.51 16.10 12.23
CA TRP A 564 -11.73 15.51 12.44
C TRP A 564 -12.72 16.51 13.14
N ALA A 565 -12.13 17.42 13.91
CA ALA A 565 -13.01 18.55 14.47
C ALA A 565 -13.53 19.45 13.33
N ILE A 566 -12.73 19.64 12.36
CA ILE A 566 -13.12 20.38 11.14
C ILE A 566 -14.22 19.62 10.45
N LEU A 567 -14.07 18.30 10.18
CA LEU A 567 -15.09 17.55 9.52
C LEU A 567 -16.34 17.38 10.27
N GLY A 568 -16.29 17.11 11.58
CA GLY A 568 -17.47 16.78 12.33
C GLY A 568 -18.23 18.00 12.92
N GLY A 569 -17.62 19.15 12.81
CA GLY A 569 -18.28 20.39 13.30
C GLY A 569 -17.93 20.86 14.68
N ALA A 570 -17.08 20.12 15.41
CA ALA A 570 -16.57 20.68 16.69
C ALA A 570 -15.79 21.99 16.51
N ALA A 571 -15.08 22.16 15.44
CA ALA A 571 -14.36 23.36 15.14
C ALA A 571 -15.30 24.27 14.34
N ASP A 572 -15.74 25.33 15.03
CA ASP A 572 -16.47 26.44 14.32
C ASP A 572 -15.55 27.38 13.60
N GLU A 573 -16.13 28.45 12.97
CA GLU A 573 -15.33 29.37 12.20
C GLU A 573 -14.29 30.16 12.97
N GLN A 574 -14.52 30.38 14.21
CA GLN A 574 -13.51 31.10 15.02
C GLN A 574 -12.30 30.20 15.46
N LYS A 575 -12.54 28.92 15.66
CA LYS A 575 -11.46 27.99 16.00
C LYS A 575 -10.68 27.50 14.83
N ILE A 576 -11.31 27.39 13.67
CA ILE A 576 -10.53 27.00 12.45
C ILE A 576 -9.23 27.63 12.15
N PRO A 577 -9.09 28.98 12.17
CA PRO A 577 -7.82 29.60 11.92
C PRO A 577 -6.78 29.27 13.02
N CYS A 578 -7.19 29.03 14.26
CA CYS A 578 -6.25 28.66 15.34
C CYS A 578 -5.61 27.24 14.91
N LEU A 579 -6.49 26.39 14.37
CA LEU A 579 -6.00 25.02 14.03
C LEU A 579 -5.05 25.10 12.90
N LEU A 580 -5.38 25.86 11.85
CA LEU A 580 -4.51 25.95 10.72
C LEU A 580 -3.12 26.46 11.07
N ASP A 581 -3.13 27.55 11.90
CA ASP A 581 -1.91 28.13 12.30
C ASP A 581 -1.03 27.20 13.22
N ALA A 582 -1.65 26.52 14.14
CA ALA A 582 -0.93 25.64 15.04
C ALA A 582 -0.31 24.43 14.25
N VAL A 583 -1.12 23.92 13.31
CA VAL A 583 -0.59 22.84 12.42
C VAL A 583 0.57 23.33 11.62
N GLU A 584 0.47 24.51 10.97
CA GLU A 584 1.56 25.04 10.23
C GLU A 584 2.77 25.23 11.09
N GLN A 585 2.60 25.83 12.26
CA GLN A 585 3.73 26.15 13.11
C GLN A 585 4.49 24.94 13.67
N GLN A 586 3.72 23.89 14.00
CA GLN A 586 4.25 22.77 14.77
C GLN A 586 4.37 21.48 13.98
N LEU A 587 3.54 21.27 13.00
CA LEU A 587 3.48 19.93 12.29
C LEU A 587 3.89 19.90 10.87
N GLU A 588 3.73 21.01 10.12
CA GLU A 588 4.12 21.00 8.73
C GLU A 588 5.57 20.93 8.50
N THR A 589 6.02 20.17 7.47
CA THR A 589 7.38 20.01 7.07
C THR A 589 7.50 19.99 5.57
N PRO A 590 8.73 20.10 5.06
CA PRO A 590 8.81 19.99 3.61
C PRO A 590 8.49 18.67 3.00
N TYR A 591 8.38 17.65 3.87
CA TYR A 591 8.10 16.31 3.34
C TYR A 591 6.64 15.98 3.57
N GLY A 592 5.83 16.92 4.13
CA GLY A 592 4.45 16.65 4.52
C GLY A 592 4.22 16.97 5.98
N VAL A 593 2.97 16.88 6.36
CA VAL A 593 2.53 17.20 7.66
C VAL A 593 2.77 15.97 8.68
N MET A 594 3.40 16.23 9.80
CA MET A 594 3.62 15.22 10.85
C MET A 594 2.36 15.00 11.59
N MET A 595 2.17 13.79 12.14
CA MET A 595 0.92 13.44 12.83
C MET A 595 0.85 13.93 14.32
N LEU A 596 2.06 14.19 14.86
CA LEU A 596 2.16 14.77 16.21
C LEU A 596 3.51 15.34 16.34
N ALA A 597 3.74 16.25 17.31
CA ALA A 597 5.01 16.90 17.50
C ALA A 597 5.01 17.59 18.83
N PRO A 598 6.16 17.74 19.43
CA PRO A 598 7.43 17.03 19.13
C PRO A 598 7.17 15.50 19.38
N ALA A 599 7.96 14.69 18.69
CA ALA A 599 7.86 13.24 18.92
C ALA A 599 8.24 12.87 20.31
N PHE A 600 7.65 11.81 20.82
CA PHE A 600 8.01 11.24 22.11
C PHE A 600 9.40 10.65 22.06
N THR A 601 10.15 10.89 23.15
CA THR A 601 11.53 10.34 23.21
C THR A 601 11.65 9.29 24.31
N ALA A 602 10.61 9.08 25.05
CA ALA A 602 10.48 8.04 26.11
C ALA A 602 9.10 7.70 26.44
N MET A 603 8.87 6.55 27.02
CA MET A 603 7.58 6.12 27.39
C MET A 603 6.83 7.16 28.23
N ARG A 604 5.60 7.43 27.87
CA ARG A 604 4.65 8.15 28.71
C ARG A 604 3.52 7.16 28.93
N ASP A 605 3.47 6.52 30.12
CA ASP A 605 2.62 5.41 30.34
C ASP A 605 1.16 5.57 30.68
N ASP A 606 0.65 6.80 30.44
CA ASP A 606 -0.79 7.01 30.42
C ASP A 606 -1.15 7.41 28.95
N VAL A 607 -0.25 7.19 27.99
CA VAL A 607 -0.56 7.29 26.53
C VAL A 607 -0.23 5.92 25.90
N GLY A 608 1.01 5.47 26.10
CA GLY A 608 1.35 4.05 25.85
C GLY A 608 2.37 3.78 24.78
N ARG A 609 2.24 2.62 24.15
CA ARG A 609 3.26 2.07 23.29
C ARG A 609 3.73 3.00 22.16
N VAL A 610 2.78 3.79 21.61
CA VAL A 610 3.19 4.74 20.59
C VAL A 610 4.40 5.65 20.97
N THR A 611 4.42 5.99 22.23
CA THR A 611 5.47 6.83 22.76
C THR A 611 6.82 6.18 22.91
N GLN A 612 6.86 4.88 22.69
CA GLN A 612 8.10 4.12 22.70
C GLN A 612 8.71 3.92 21.40
N LYS A 613 8.03 4.29 20.31
CA LYS A 613 8.65 4.17 19.01
C LYS A 613 9.76 5.19 18.82
N PHE A 614 10.69 4.96 17.89
CA PHE A 614 11.78 5.92 17.70
C PHE A 614 11.07 7.23 17.31
N PRO A 615 11.51 8.38 17.82
CA PRO A 615 10.86 9.67 17.45
C PRO A 615 11.01 9.96 15.98
N GLY A 616 9.85 10.10 15.32
CA GLY A 616 9.88 10.35 13.89
C GLY A 616 9.45 9.15 13.04
N SER A 617 9.41 7.95 13.67
CA SER A 617 8.98 6.74 13.01
C SER A 617 7.61 6.35 13.33
N ALA A 618 6.88 5.97 12.27
CA ALA A 618 5.52 5.48 12.38
C ALA A 618 4.60 6.40 13.15
N GLU A 619 3.83 5.93 14.07
CA GLU A 619 2.84 6.84 14.72
C GLU A 619 3.47 7.86 15.60
N ASN A 620 4.77 7.67 15.95
CA ASN A 620 5.42 8.63 16.85
C ASN A 620 6.02 9.72 16.09
N GLY A 621 5.12 10.57 15.51
CA GLY A 621 5.63 11.77 14.94
C GLY A 621 6.15 11.75 13.53
N SER A 622 5.94 10.67 12.78
CA SER A 622 6.28 10.67 11.37
C SER A 622 5.38 11.60 10.59
N VAL A 623 5.77 11.81 9.36
CA VAL A 623 4.79 12.21 8.30
C VAL A 623 4.04 10.97 7.94
N TYR A 624 2.99 10.69 8.71
CA TYR A 624 2.24 9.50 8.58
C TYR A 624 1.14 9.82 7.50
N ASN A 625 1.34 9.29 6.30
CA ASN A 625 0.58 9.83 5.21
C ASN A 625 -0.92 9.66 5.41
N HIS A 626 -1.39 8.66 6.06
CA HIS A 626 -2.78 8.46 6.24
C HIS A 626 -3.38 9.58 7.11
N ALA A 627 -2.68 10.00 8.16
CA ALA A 627 -3.16 11.15 8.93
C ALA A 627 -3.05 12.37 8.10
N ALA A 628 -2.02 12.58 7.32
CA ALA A 628 -1.86 13.73 6.50
C ALA A 628 -3.05 13.87 5.53
N VAL A 629 -3.47 12.80 4.90
CA VAL A 629 -4.54 12.94 3.91
C VAL A 629 -5.88 13.17 4.61
N PHE A 630 -6.12 12.70 5.82
CA PHE A 630 -7.34 13.10 6.58
C PHE A 630 -7.33 14.64 6.74
N TYR A 631 -6.17 15.24 7.03
CA TYR A 631 -6.10 16.70 7.10
C TYR A 631 -6.39 17.38 5.77
N ILE A 632 -5.75 16.89 4.71
CA ILE A 632 -6.00 17.38 3.37
C ILE A 632 -7.52 17.30 3.06
N PHE A 633 -8.17 16.21 3.37
CA PHE A 633 -9.60 16.06 3.09
C PHE A 633 -10.39 17.12 3.92
N SER A 634 -9.97 17.34 5.15
CA SER A 634 -10.67 18.35 6.05
C SER A 634 -10.48 19.72 5.44
N LEU A 635 -9.35 19.98 4.90
CA LEU A 635 -9.00 21.29 4.28
C LEU A 635 -9.90 21.52 3.06
N LEU A 636 -10.02 20.50 2.23
CA LEU A 636 -10.90 20.57 1.06
C LEU A 636 -12.33 20.80 1.52
N SER A 637 -12.80 20.26 2.63
CA SER A 637 -14.13 20.41 3.12
C SER A 637 -14.53 21.86 3.51
N ILE A 638 -13.55 22.66 3.75
CA ILE A 638 -13.71 24.09 4.10
C ILE A 638 -13.16 24.99 3.02
N GLY A 639 -12.85 24.49 1.82
CA GLY A 639 -12.32 25.30 0.79
C GLY A 639 -11.02 25.92 0.94
N GLU A 640 -10.13 25.28 1.77
CA GLU A 640 -8.74 25.73 1.89
C GLU A 640 -7.90 25.09 0.80
N SER A 641 -8.11 25.56 -0.44
CA SER A 641 -7.71 24.87 -1.61
C SER A 641 -6.22 24.88 -1.71
N GLU A 642 -5.56 26.02 -1.52
CA GLU A 642 -4.15 26.08 -1.70
C GLU A 642 -3.38 25.23 -0.65
N ARG A 643 -3.85 25.31 0.57
CA ARG A 643 -3.17 24.55 1.67
C ARG A 643 -3.38 23.03 1.40
N ALA A 644 -4.55 22.66 0.95
CA ALA A 644 -4.87 21.21 0.64
C ALA A 644 -3.94 20.71 -0.42
N TYR A 645 -3.80 21.44 -1.56
CA TYR A 645 -2.99 20.99 -2.60
C TYR A 645 -1.55 20.94 -2.19
N LYS A 646 -1.07 21.97 -1.51
CA LYS A 646 0.33 22.03 -1.13
C LYS A 646 0.72 20.76 -0.31
N LEU A 647 -0.15 20.46 0.63
CA LEU A 647 0.21 19.32 1.54
C LEU A 647 0.06 18.00 0.77
N LEU A 648 -0.91 17.89 -0.16
CA LEU A 648 -1.03 16.66 -0.96
C LEU A 648 0.15 16.49 -1.83
N ARG A 649 0.63 17.55 -2.51
CA ARG A 649 1.70 17.45 -3.42
C ARG A 649 3.01 17.04 -2.70
N GLN A 650 3.14 17.43 -1.45
CA GLN A 650 4.27 17.05 -0.61
C GLN A 650 4.37 15.49 -0.45
N MET A 651 3.28 14.77 -0.71
CA MET A 651 3.33 13.32 -0.56
C MET A 651 4.05 12.66 -1.70
N LEU A 652 4.28 13.39 -2.81
CA LEU A 652 4.93 12.82 -3.95
C LEU A 652 6.37 13.25 -4.01
N PRO A 653 7.37 12.36 -3.90
CA PRO A 653 8.75 12.78 -4.00
C PRO A 653 9.15 13.36 -5.39
N GLY A 654 10.09 14.31 -5.40
CA GLY A 654 10.60 14.80 -6.67
C GLY A 654 9.68 15.96 -7.18
N PRO A 655 10.19 16.70 -8.18
CA PRO A 655 11.41 16.49 -8.89
C PRO A 655 12.74 17.00 -8.33
N ASP A 656 12.68 17.69 -7.21
CA ASP A 656 13.90 18.23 -6.63
C ASP A 656 14.85 17.05 -6.31
N GLU A 657 16.09 17.15 -6.77
CA GLU A 657 17.09 16.07 -6.61
C GLU A 657 17.32 15.84 -5.11
N ALA A 658 17.55 16.86 -4.31
CA ALA A 658 17.86 16.64 -2.90
C ALA A 658 16.70 15.88 -2.25
N ASP A 659 15.47 16.27 -2.57
CA ASP A 659 14.28 15.61 -2.05
C ASP A 659 14.25 14.12 -2.44
N LEU A 660 14.53 13.84 -3.70
CA LEU A 660 14.47 12.45 -4.20
C LEU A 660 15.53 11.64 -3.48
N LEU A 661 16.72 12.24 -3.25
CA LEU A 661 17.81 11.46 -2.60
C LEU A 661 17.50 11.28 -1.16
N GLN A 662 16.90 12.26 -0.52
CA GLN A 662 16.67 12.17 0.90
C GLN A 662 15.52 11.22 1.21
N ARG A 663 14.43 11.21 0.46
CA ARG A 663 13.34 10.26 0.76
C ARG A 663 13.77 8.84 0.32
N GLY A 664 14.56 8.72 -0.73
CA GLY A 664 15.18 7.44 -1.07
C GLY A 664 14.23 6.48 -1.77
N GLN A 665 13.10 7.00 -2.30
CA GLN A 665 12.15 6.13 -2.92
C GLN A 665 11.87 6.42 -4.38
N LEU A 666 11.56 5.39 -5.16
CA LEU A 666 11.04 5.63 -6.48
C LEU A 666 9.65 6.26 -6.32
N PRO A 667 9.26 7.28 -7.21
CA PRO A 667 7.94 7.90 -7.08
C PRO A 667 6.81 7.11 -7.73
N VAL A 668 6.69 5.83 -7.32
CA VAL A 668 5.72 4.90 -7.90
C VAL A 668 4.69 4.40 -6.92
N PHE A 669 4.71 4.97 -5.70
CA PHE A 669 3.75 4.68 -4.67
C PHE A 669 3.90 5.72 -3.60
N ILE A 670 2.92 5.80 -2.73
CA ILE A 670 3.01 6.59 -1.53
C ILE A 670 3.19 5.58 -0.38
N PRO A 671 4.28 5.80 0.39
CA PRO A 671 4.55 4.90 1.53
C PRO A 671 3.71 5.14 2.69
N ASN A 672 3.64 4.26 3.72
CA ASN A 672 2.86 4.58 4.89
C ASN A 672 3.41 5.81 5.63
N TYR A 673 4.72 6.09 5.54
CA TYR A 673 5.24 7.26 6.19
C TYR A 673 6.50 7.74 5.52
N TYR A 674 6.83 9.04 5.66
CA TYR A 674 8.10 9.57 5.54
C TYR A 674 8.54 10.01 6.94
N ARG A 675 9.84 9.82 7.24
CA ARG A 675 10.28 10.09 8.63
C ARG A 675 9.96 11.54 9.07
N GLY A 676 9.44 11.69 10.26
CA GLY A 676 9.15 12.99 10.85
C GLY A 676 10.14 13.46 11.84
N ALA A 677 9.64 13.91 12.98
CA ALA A 677 10.49 14.49 13.98
C ALA A 677 11.48 15.45 13.30
N TYR A 678 10.95 16.31 12.40
CA TYR A 678 11.75 17.14 11.60
C TYR A 678 12.63 18.15 12.44
N TYR A 679 12.09 18.67 13.49
CA TYR A 679 12.83 19.61 14.29
C TYR A 679 13.86 18.89 15.15
N GLN A 680 13.53 17.71 15.66
CA GLN A 680 14.40 16.98 16.58
C GLN A 680 15.50 16.28 15.94
N HIS A 681 15.23 15.70 14.77
CA HIS A 681 16.21 14.92 14.03
C HIS A 681 16.24 15.20 12.55
N PRO A 682 16.77 16.37 12.19
CA PRO A 682 16.72 16.77 10.79
C PRO A 682 17.40 15.83 9.82
N ARG A 683 18.48 15.12 10.21
CA ARG A 683 19.25 14.37 9.22
C ARG A 683 18.40 13.29 8.46
N THR A 684 17.52 12.67 9.22
CA THR A 684 16.78 11.58 8.72
C THR A 684 15.39 11.98 8.25
N ALA A 685 14.99 13.23 8.46
CA ALA A 685 13.62 13.60 8.15
C ALA A 685 13.32 13.46 6.65
N GLY A 686 12.13 12.91 6.30
CA GLY A 686 11.76 12.61 4.98
C GLY A 686 11.97 11.22 4.46
N ARG A 687 12.91 10.47 5.17
CA ARG A 687 13.22 9.16 4.68
C ARG A 687 11.95 8.31 4.52
N SER A 688 11.80 7.61 3.38
CA SER A 688 10.64 6.81 3.10
C SER A 688 10.65 5.48 3.94
N SER A 689 9.51 5.10 4.43
CA SER A 689 9.40 3.76 5.06
C SER A 689 9.54 2.64 4.01
N GLN A 690 9.31 2.92 2.74
CA GLN A 690 9.23 2.01 1.63
C GLN A 690 8.11 1.04 1.70
N LEU A 691 7.15 1.26 2.57
CA LEU A 691 6.03 0.32 2.76
C LEU A 691 4.85 0.75 1.82
N PHE A 692 4.53 -0.11 0.85
CA PHE A 692 3.45 0.26 -0.04
CA PHE A 692 3.43 0.03 -0.17
C PHE A 692 2.08 -0.09 0.50
N ASN A 693 1.96 -0.87 1.58
CA ASN A 693 0.72 -1.07 2.30
C ASN A 693 0.33 0.16 3.12
N THR A 694 -0.72 0.84 2.70
CA THR A 694 -1.19 2.01 3.40
C THR A 694 -2.61 2.42 2.96
N GLY A 695 -3.49 2.71 3.92
CA GLY A 695 -4.79 3.22 3.64
C GLY A 695 -4.81 4.63 3.12
N THR A 696 -3.67 5.29 3.05
CA THR A 696 -3.56 6.60 2.52
C THR A 696 -4.17 6.70 1.17
N VAL A 697 -3.83 5.75 0.32
CA VAL A 697 -4.08 6.01 -1.11
C VAL A 697 -5.57 5.99 -1.50
N SER A 698 -6.47 5.31 -0.84
CA SER A 698 -7.90 5.43 -1.17
C SER A 698 -8.35 6.85 -0.95
N TRP A 699 -7.86 7.45 0.11
CA TRP A 699 -8.22 8.84 0.44
C TRP A 699 -7.53 9.80 -0.45
N VAL A 700 -6.27 9.62 -0.86
CA VAL A 700 -5.61 10.55 -1.76
C VAL A 700 -6.38 10.59 -3.09
N TYR A 701 -6.77 9.39 -3.59
CA TYR A 701 -7.53 9.26 -4.84
C TYR A 701 -8.86 9.93 -4.74
N ARG A 702 -9.59 9.75 -3.63
CA ARG A 702 -10.82 10.49 -3.41
C ARG A 702 -10.61 11.95 -3.38
N CYS A 703 -9.57 12.46 -2.72
CA CYS A 703 -9.32 13.90 -2.64
C CYS A 703 -9.08 14.46 -4.04
N LEU A 704 -8.29 13.77 -4.85
CA LEU A 704 -8.01 14.30 -6.18
C LEU A 704 -9.32 14.27 -7.02
N ILE A 705 -10.08 13.21 -7.00
CA ILE A 705 -11.25 13.04 -7.88
C ILE A 705 -12.30 14.10 -7.51
N GLU A 706 -12.66 14.11 -6.23
CA GLU A 706 -13.83 14.87 -5.74
C GLU A 706 -13.49 16.23 -5.27
N GLY A 707 -12.26 16.49 -4.89
CA GLY A 707 -11.87 17.70 -4.19
C GLY A 707 -11.00 18.60 -5.04
N VAL A 708 -9.83 18.17 -5.54
CA VAL A 708 -8.98 19.00 -6.31
C VAL A 708 -9.60 19.18 -7.70
N PHE A 709 -9.82 18.10 -8.42
CA PHE A 709 -10.47 18.21 -9.75
C PHE A 709 -11.93 18.44 -9.57
N GLY A 710 -12.56 18.16 -8.43
CA GLY A 710 -13.92 18.55 -8.12
C GLY A 710 -14.97 17.94 -8.96
N LEU A 711 -14.87 16.64 -9.28
CA LEU A 711 -15.83 15.90 -10.13
C LEU A 711 -16.47 14.86 -9.26
N LYS A 712 -17.51 15.25 -8.52
CA LYS A 712 -18.05 14.43 -7.42
C LYS A 712 -19.47 14.00 -7.68
N GLY A 713 -19.84 12.79 -7.41
CA GLY A 713 -21.23 12.36 -7.59
C GLY A 713 -22.20 12.89 -6.56
N SER A 714 -23.49 12.99 -6.95
CA SER A 714 -24.62 13.23 -6.09
C SER A 714 -25.85 12.54 -6.61
N PRO A 715 -26.96 12.58 -5.86
CA PRO A 715 -28.17 11.94 -6.38
C PRO A 715 -28.71 12.60 -7.68
N GLN A 716 -28.22 13.72 -7.98
CA GLN A 716 -28.64 14.33 -9.28
C GLN A 716 -27.69 14.10 -10.42
N GLY A 717 -26.41 13.75 -10.21
CA GLY A 717 -25.53 13.59 -11.31
C GLY A 717 -24.14 13.96 -10.95
N LEU A 718 -23.36 14.64 -11.76
CA LEU A 718 -21.96 14.97 -11.55
C LEU A 718 -21.83 16.37 -11.12
N VAL A 719 -21.33 16.60 -9.93
CA VAL A 719 -21.16 17.93 -9.38
C VAL A 719 -19.81 18.47 -9.69
N VAL A 720 -19.69 19.64 -10.26
CA VAL A 720 -18.46 20.28 -10.66
C VAL A 720 -18.11 21.32 -9.65
N GLN A 721 -17.02 21.05 -8.88
CA GLN A 721 -16.65 21.82 -7.72
C GLN A 721 -15.13 21.87 -7.55
N PRO A 722 -14.34 22.24 -8.57
CA PRO A 722 -12.91 22.19 -8.50
C PRO A 722 -12.24 23.13 -7.51
N GLN A 723 -11.15 22.62 -6.95
CA GLN A 723 -10.23 23.37 -6.10
C GLN A 723 -8.85 23.30 -6.61
N LEU A 724 -8.66 23.78 -7.82
CA LEU A 724 -7.35 23.73 -8.47
C LEU A 724 -6.38 24.67 -7.79
N PRO A 725 -5.10 24.37 -7.70
CA PRO A 725 -4.17 25.44 -7.25
C PRO A 725 -4.15 26.62 -8.28
N VAL A 726 -4.04 27.82 -7.70
CA VAL A 726 -4.04 29.02 -8.57
C VAL A 726 -2.95 29.10 -9.56
N ALA A 727 -1.82 28.45 -9.38
CA ALA A 727 -0.78 28.48 -10.33
C ALA A 727 -1.20 27.88 -11.67
N TRP A 728 -2.23 27.04 -11.71
CA TRP A 728 -2.59 26.35 -12.97
C TRP A 728 -3.50 27.27 -13.81
N GLN A 729 -2.94 27.72 -14.94
CA GLN A 729 -3.73 28.55 -15.93
C GLN A 729 -4.71 27.73 -16.64
N THR A 730 -4.31 26.52 -16.96
CA THR A 730 -5.17 25.52 -17.60
C THR A 730 -4.83 24.10 -17.05
N ALA A 731 -5.79 23.19 -17.22
CA ALA A 731 -5.65 21.75 -16.84
C ALA A 731 -6.72 21.04 -17.54
N GLU A 732 -6.54 19.73 -17.70
CA GLU A 732 -7.58 18.85 -18.24
C GLU A 732 -7.67 17.59 -17.36
N ALA A 733 -8.87 16.99 -17.38
CA ALA A 733 -9.06 15.67 -16.77
C ALA A 733 -10.01 14.92 -17.60
N VAL A 734 -9.89 13.60 -17.61
CA VAL A 734 -10.87 12.71 -18.14
C VAL A 734 -11.47 11.89 -17.02
N ARG A 735 -12.74 12.04 -16.77
CA ARG A 735 -13.44 11.44 -15.61
C ARG A 735 -14.41 10.41 -16.17
N GLU A 736 -14.29 9.13 -15.73
CA GLU A 736 -15.29 8.16 -15.93
C GLU A 736 -16.25 8.19 -14.77
N PHE A 737 -17.54 8.23 -15.06
CA PHE A 737 -18.56 8.38 -14.04
C PHE A 737 -19.89 7.79 -14.44
N ARG A 738 -20.44 6.82 -13.68
CA ARG A 738 -21.70 6.15 -13.96
C ARG A 738 -21.85 5.71 -15.36
N GLY A 739 -20.75 5.20 -15.92
CA GLY A 739 -20.79 4.57 -17.21
C GLY A 739 -20.51 5.53 -18.33
N ALA A 740 -20.36 6.84 -18.10
CA ALA A 740 -20.15 7.81 -19.11
C ALA A 740 -18.71 8.37 -18.96
N THR A 741 -18.23 9.12 -19.92
CA THR A 741 -16.96 9.75 -19.88
C THR A 741 -17.03 11.25 -20.02
N PHE A 742 -16.36 12.03 -19.16
CA PHE A 742 -16.38 13.49 -19.20
C PHE A 742 -14.99 13.97 -19.50
N ASN A 743 -14.81 14.63 -20.66
CA ASN A 743 -13.53 15.26 -21.02
C ASN A 743 -13.56 16.67 -20.58
N VAL A 744 -12.92 16.97 -19.47
CA VAL A 744 -13.01 18.22 -18.80
C VAL A 744 -11.82 19.11 -19.07
N SER A 745 -12.07 20.38 -19.51
CA SER A 745 -11.06 21.33 -19.73
C SER A 745 -11.26 22.45 -18.77
N TYR A 746 -10.26 22.84 -18.01
CA TYR A 746 -10.32 23.88 -17.03
C TYR A 746 -9.43 25.06 -17.49
N ARG A 747 -10.02 26.28 -17.37
CA ARG A 747 -9.28 27.47 -17.88
C ARG A 747 -9.65 28.68 -16.99
N LYS A 748 -8.66 29.48 -16.66
CA LYS A 748 -8.85 30.67 -15.80
C LYS A 748 -9.26 31.82 -16.72
N SER A 749 -10.25 32.63 -16.33
CA SER A 749 -10.74 33.80 -17.11
C SER A 749 -10.86 35.00 -16.17
N SER A 750 -10.38 36.16 -16.63
CA SER A 750 -10.54 37.42 -15.85
C SER A 750 -11.80 38.16 -16.32
N ASP A 751 -12.47 37.67 -17.39
CA ASP A 751 -13.84 38.15 -17.78
C ASP A 751 -14.99 37.73 -16.87
N ILE A 752 -14.79 36.85 -15.91
CA ILE A 752 -15.97 36.36 -15.21
C ILE A 752 -15.73 36.53 -13.77
N LYS A 753 -16.80 36.67 -13.05
CA LYS A 753 -16.73 36.85 -11.64
C LYS A 753 -16.98 35.54 -10.94
N GLU A 754 -17.57 34.58 -11.62
CA GLU A 754 -17.98 33.36 -10.99
C GLU A 754 -17.75 32.21 -11.97
N MET A 755 -17.57 30.97 -11.46
CA MET A 755 -17.33 29.85 -12.38
C MET A 755 -18.39 29.76 -13.42
N GLU A 756 -18.01 29.45 -14.63
CA GLU A 756 -18.93 29.11 -15.68
C GLU A 756 -18.66 27.72 -16.26
N ILE A 757 -19.70 26.93 -16.39
CA ILE A 757 -19.63 25.62 -16.95
C ILE A 757 -20.35 25.48 -18.26
N GLN A 758 -19.69 24.92 -19.24
CA GLN A 758 -20.35 24.56 -20.49
C GLN A 758 -20.31 23.12 -20.72
N LEU A 759 -21.39 22.55 -21.17
CA LEU A 759 -21.52 21.20 -21.53
C LEU A 759 -21.73 21.12 -23.03
N ASN A 760 -20.84 20.46 -23.75
CA ASN A 760 -20.89 20.39 -25.23
C ASN A 760 -21.11 21.82 -25.79
N GLU A 761 -20.39 22.81 -25.25
CA GLU A 761 -20.44 24.20 -25.70
C GLU A 761 -21.67 25.06 -25.36
N SER A 762 -22.63 24.57 -24.59
CA SER A 762 -23.72 25.43 -24.06
C SER A 762 -23.50 25.68 -22.61
N VAL A 763 -23.67 26.93 -22.19
CA VAL A 763 -23.56 27.29 -20.79
C VAL A 763 -24.70 26.56 -20.05
N ILE A 764 -24.39 25.97 -18.87
CA ILE A 764 -25.42 25.40 -18.01
C ILE A 764 -25.68 26.31 -16.88
N SER A 765 -26.83 26.16 -16.27
CA SER A 765 -27.02 26.81 -14.98
C SER A 765 -26.82 25.78 -13.85
N GLY A 766 -26.25 26.28 -12.79
CA GLY A 766 -25.96 25.45 -11.62
C GLY A 766 -24.60 24.75 -11.89
N ASN A 767 -24.35 23.78 -11.00
CA ASN A 767 -22.99 23.13 -11.04
C ASN A 767 -23.10 21.62 -11.26
N THR A 768 -24.24 21.11 -11.72
CA THR A 768 -24.50 19.67 -11.78
C THR A 768 -24.78 19.27 -13.20
N ILE A 769 -24.14 18.24 -13.72
CA ILE A 769 -24.48 17.61 -14.96
C ILE A 769 -25.45 16.55 -14.58
N SER A 770 -26.70 16.63 -14.99
CA SER A 770 -27.79 15.75 -14.60
C SER A 770 -28.18 14.69 -15.58
N ASP A 771 -27.87 14.86 -16.86
CA ASP A 771 -28.36 13.97 -17.89
C ASP A 771 -27.11 13.19 -18.30
N ILE A 772 -26.99 11.99 -17.77
CA ILE A 772 -25.86 11.12 -18.01
C ILE A 772 -26.28 9.85 -18.60
N THR A 773 -25.84 9.63 -19.81
CA THR A 773 -26.17 8.40 -20.49
C THR A 773 -24.94 7.43 -20.56
N ALA A 774 -25.16 6.23 -20.17
CA ALA A 774 -24.09 5.24 -20.16
C ALA A 774 -23.54 5.09 -21.60
N GLY A 775 -22.21 5.08 -21.72
CA GLY A 775 -21.55 4.92 -22.98
C GLY A 775 -21.31 6.20 -23.73
N ALA A 776 -21.82 7.30 -23.30
CA ALA A 776 -21.64 8.55 -23.95
C ALA A 776 -20.42 9.29 -23.48
N THR A 777 -19.88 10.22 -24.28
CA THR A 777 -18.87 11.12 -23.92
C THR A 777 -19.32 12.53 -23.96
N TYR A 778 -19.03 13.33 -22.95
CA TYR A 778 -19.37 14.72 -22.84
C TYR A 778 -18.16 15.60 -22.80
N GLN A 779 -18.20 16.80 -23.43
CA GLN A 779 -17.13 17.75 -23.34
C GLN A 779 -17.55 18.80 -22.32
N LEU A 780 -16.79 18.95 -21.23
CA LEU A 780 -17.08 19.93 -20.19
C LEU A 780 -16.04 21.00 -20.19
N THR A 781 -16.41 22.28 -20.26
CA THR A 781 -15.47 23.34 -20.14
C THR A 781 -15.78 24.08 -18.90
N VAL A 782 -14.79 24.25 -18.04
CA VAL A 782 -15.00 24.94 -16.75
C VAL A 782 -14.08 26.15 -16.73
N LEU A 783 -14.67 27.39 -16.75
CA LEU A 783 -13.92 28.61 -16.66
C LEU A 783 -14.02 29.09 -15.27
N LEU A 784 -12.87 29.42 -14.73
CA LEU A 784 -12.71 29.78 -13.38
C LEU A 784 -12.27 31.28 -13.27
N PRO A 785 -12.75 31.98 -12.24
CA PRO A 785 -12.09 33.32 -11.97
C PRO A 785 -10.66 33.22 -11.42
#